data_5ETY
#
_entry.id   5ETY
#
_cell.length_a   158.846
_cell.length_b   74.680
_cell.length_c   84.603
_cell.angle_alpha   90.000
_cell.angle_beta   90.000
_cell.angle_gamma   90.000
#
_symmetry.space_group_name_H-M   'P 21 21 2'
#
loop_
_entity.id
_entity.type
_entity.pdbx_description
1 polymer Tankyrase-1
2 non-polymer 'ZINC ION'
3 non-polymer 3-[[1-(6,7-dimethoxyquinazolin-4-yl)piperidin-4-yl]methyl]-1,4-dihydroquinazolin-2-one
4 water water
#
_entity_poly.entity_id   1
_entity_poly.type   'polypeptide(L)'
_entity_poly.pdbx_seq_one_letter_code
;MHHHHHHSSGVDLGTENLYFQSMQGTNPYLTFHCVNQGTILLDLAPEDKEYQSVEEEMQSTIREHRDGGNAGGIFNRYNV
IRIQKVVNKKLRERFCHRQKEVSEENHNHHNERMLFHGSPFINAIIHKGFDERHAYIGGMFGAGIYFAENSSKSNQYVYG
IGGGTGCPTHKDRSCYICHRQMLFCRVTLGKSFLQFSTIKMAHAPPGHHSVIGRPSVNGLAYAEYVIYRGEQAYPEYLIT
YQIMKPEAPSQTATAAE
;
_entity_poly.pdbx_strand_id   A,B,C,D
#
loop_
_chem_comp.id
_chem_comp.type
_chem_comp.name
_chem_comp.formula
K56 non-polymer 3-[[1-(6,7-dimethoxyquinazolin-4-yl)piperidin-4-yl]methyl]-1,4-dihydroquinazolin-2-one 'C24 H27 N5 O3'
ZN non-polymer 'ZINC ION' 'Zn 2'
#
# COMPACT_ATOMS: atom_id res chain seq x y z
N GLY A 38 -23.88 -7.37 5.58
CA GLY A 38 -23.71 -7.02 4.13
C GLY A 38 -22.75 -7.94 3.41
N THR A 39 -22.03 -7.39 2.44
CA THR A 39 -21.01 -8.11 1.62
C THR A 39 -19.58 -8.10 2.23
N ILE A 40 -18.83 -9.19 2.06
CA ILE A 40 -17.46 -9.36 2.58
C ILE A 40 -16.59 -9.78 1.43
N LEU A 41 -15.45 -9.14 1.23
CA LEU A 41 -14.53 -9.52 0.17
C LEU A 41 -13.32 -10.21 0.74
N LEU A 42 -13.05 -11.44 0.32
CA LEU A 42 -11.87 -12.13 0.79
C LEU A 42 -10.74 -12.00 -0.19
N ASP A 43 -9.61 -11.48 0.27
CA ASP A 43 -8.38 -11.45 -0.55
C ASP A 43 -7.88 -12.85 -0.80
N LEU A 44 -7.63 -13.16 -2.07
CA LEU A 44 -6.94 -14.38 -2.44
C LEU A 44 -5.46 -14.10 -2.66
N ALA A 45 -4.61 -14.93 -2.08
CA ALA A 45 -3.18 -14.79 -2.26
C ALA A 45 -2.76 -15.35 -3.62
N PRO A 46 -1.77 -14.72 -4.28
CA PRO A 46 -1.27 -15.30 -5.53
C PRO A 46 -0.85 -16.76 -5.47
N GLU A 47 -0.62 -17.32 -4.27
CA GLU A 47 -0.23 -18.73 -4.10
C GLU A 47 -1.43 -19.63 -3.88
N ASP A 48 -2.56 -19.05 -3.48
CA ASP A 48 -3.84 -19.75 -3.48
C ASP A 48 -4.02 -20.35 -4.89
N LYS A 49 -4.18 -21.66 -4.97
CA LYS A 49 -4.51 -22.33 -6.23
C LYS A 49 -5.70 -21.66 -6.95
N GLU A 50 -6.67 -21.22 -6.15
CA GLU A 50 -7.87 -20.55 -6.66
C GLU A 50 -7.54 -19.27 -7.42
N TYR A 51 -6.48 -18.58 -6.99
CA TYR A 51 -6.08 -17.34 -7.64
C TYR A 51 -5.62 -17.68 -9.05
N GLN A 52 -4.70 -18.63 -9.13
CA GLN A 52 -4.13 -19.01 -10.42
C GLN A 52 -5.21 -19.58 -11.31
N SER A 53 -6.14 -20.31 -10.72
CA SER A 53 -7.25 -20.86 -11.48
C SER A 53 -8.00 -19.74 -12.21
N VAL A 54 -8.27 -18.66 -11.51
CA VAL A 54 -9.02 -17.58 -12.10
C VAL A 54 -8.19 -16.82 -13.16
N GLU A 55 -6.94 -16.54 -12.81
CA GLU A 55 -6.07 -15.82 -13.72
C GLU A 55 -5.93 -16.61 -14.98
N GLU A 56 -5.81 -17.90 -14.83
CA GLU A 56 -5.58 -18.75 -15.98
C GLU A 56 -6.71 -18.61 -16.95
N GLU A 57 -7.91 -18.73 -16.41
CA GLU A 57 -9.13 -18.55 -17.20
C GLU A 57 -9.19 -17.20 -17.83
N MET A 58 -8.88 -16.17 -17.04
CA MET A 58 -8.90 -14.83 -17.55
C MET A 58 -7.89 -14.58 -18.67
N GLN A 59 -6.64 -14.98 -18.45
CA GLN A 59 -5.57 -14.74 -19.41
C GLN A 59 -5.76 -15.52 -20.72
N SER A 60 -6.05 -16.82 -20.60
CA SER A 60 -6.12 -17.70 -21.78
C SER A 60 -7.32 -17.39 -22.67
N THR A 61 -8.42 -16.96 -22.04
CA THR A 61 -9.64 -16.69 -22.78
C THR A 61 -9.58 -15.35 -23.56
N ILE A 62 -8.43 -14.70 -23.63
CA ILE A 62 -8.28 -13.53 -24.50
C ILE A 62 -8.34 -13.97 -25.97
N ARG A 63 -9.02 -13.18 -26.80
CA ARG A 63 -8.97 -13.34 -28.25
C ARG A 63 -8.83 -11.95 -28.86
N GLU A 64 -8.33 -11.88 -30.09
CA GLU A 64 -8.28 -10.59 -30.80
C GLU A 64 -9.64 -10.34 -31.46
N HIS A 65 -10.03 -9.08 -31.55
CA HIS A 65 -11.35 -8.72 -32.09
C HIS A 65 -11.40 -7.97 -33.43
N ARG A 66 -12.62 -7.84 -33.96
CA ARG A 66 -12.85 -7.32 -35.32
C ARG A 66 -12.92 -5.78 -35.30
N ASP A 67 -12.82 -5.23 -34.09
CA ASP A 67 -12.49 -3.81 -33.78
C ASP A 67 -11.29 -3.15 -34.48
N GLY A 68 -10.13 -3.79 -34.38
CA GLY A 68 -8.84 -3.10 -34.29
C GLY A 68 -8.53 -2.85 -32.81
N GLY A 69 -8.96 -3.81 -31.97
CA GLY A 69 -8.99 -3.66 -30.52
C GLY A 69 -9.55 -2.35 -29.97
N ASN A 70 -10.25 -1.60 -30.80
CA ASN A 70 -10.75 -0.29 -30.44
C ASN A 70 -11.38 -0.20 -29.04
N ALA A 71 -12.56 -0.77 -28.87
CA ALA A 71 -13.40 -0.49 -27.69
C ALA A 71 -12.85 -0.89 -26.32
N GLY A 72 -12.36 -2.11 -26.21
CA GLY A 72 -11.73 -2.57 -24.99
C GLY A 72 -10.28 -2.12 -24.89
N GLY A 73 -9.66 -1.84 -26.04
CA GLY A 73 -8.26 -1.43 -26.11
C GLY A 73 -7.35 -2.54 -26.63
N ILE A 74 -6.12 -2.19 -27.03
CA ILE A 74 -5.24 -3.12 -27.70
C ILE A 74 -4.26 -3.79 -26.76
N PHE A 75 -4.36 -5.12 -26.60
CA PHE A 75 -3.45 -5.89 -25.74
C PHE A 75 -3.37 -7.39 -26.05
N ASN A 76 -2.43 -8.08 -25.43
CA ASN A 76 -2.36 -9.53 -25.49
C ASN A 76 -2.42 -10.21 -24.14
N ARG A 77 -2.47 -9.44 -23.06
CA ARG A 77 -2.28 -10.00 -21.73
C ARG A 77 -2.77 -9.02 -20.72
N TYR A 78 -3.09 -9.53 -19.54
CA TYR A 78 -3.54 -8.68 -18.44
C TYR A 78 -2.46 -8.66 -17.36
N ASN A 79 -2.34 -7.52 -16.68
CA ASN A 79 -1.70 -7.45 -15.37
C ASN A 79 -2.79 -7.56 -14.29
N VAL A 80 -2.82 -8.66 -13.56
CA VAL A 80 -3.84 -8.85 -12.55
C VAL A 80 -3.35 -8.28 -11.25
N ILE A 81 -4.04 -7.23 -10.80
CA ILE A 81 -3.64 -6.54 -9.58
C ILE A 81 -4.13 -7.29 -8.34
N ARG A 82 -5.39 -7.69 -8.36
CA ARG A 82 -5.97 -8.29 -7.19
C ARG A 82 -7.13 -9.18 -7.57
N ILE A 83 -7.35 -10.21 -6.75
CA ILE A 83 -8.58 -11.03 -6.86
C ILE A 83 -9.18 -11.31 -5.50
N GLN A 84 -10.44 -10.86 -5.34
CA GLN A 84 -11.20 -11.08 -4.14
C GLN A 84 -12.41 -11.96 -4.43
N LYS A 85 -12.63 -12.92 -3.53
CA LYS A 85 -13.82 -13.72 -3.53
C LYS A 85 -14.92 -12.93 -2.85
N VAL A 86 -16.14 -12.97 -3.37
CA VAL A 86 -17.25 -12.17 -2.83
C VAL A 86 -18.20 -13.04 -2.03
N VAL A 87 -18.49 -12.65 -0.81
CA VAL A 87 -19.33 -13.45 0.05
C VAL A 87 -20.48 -12.60 0.54
N ASN A 88 -21.70 -13.02 0.24
CA ASN A 88 -22.91 -12.33 0.72
C ASN A 88 -24.06 -13.29 0.99
N LYS A 89 -24.44 -13.43 2.26
CA LYS A 89 -25.38 -14.46 2.68
C LYS A 89 -26.67 -14.44 1.89
N LYS A 90 -27.34 -13.29 1.89
CA LYS A 90 -28.65 -13.12 1.26
C LYS A 90 -28.57 -13.29 -0.25
N LEU A 91 -27.45 -12.95 -0.86
CA LEU A 91 -27.29 -13.22 -2.28
C LEU A 91 -27.13 -14.67 -2.56
N ARG A 92 -26.36 -15.37 -1.74
CA ARG A 92 -26.15 -16.77 -1.97
C ARG A 92 -27.44 -17.56 -1.76
N GLU A 93 -28.21 -17.21 -0.72
CA GLU A 93 -29.49 -17.86 -0.48
C GLU A 93 -30.43 -17.69 -1.67
N ARG A 94 -30.48 -16.51 -2.27
CA ARG A 94 -31.31 -16.27 -3.46
C ARG A 94 -30.83 -17.02 -4.68
N PHE A 95 -29.53 -17.16 -4.84
CA PHE A 95 -28.97 -17.88 -5.96
C PHE A 95 -29.28 -19.35 -5.83
N CYS A 96 -29.00 -19.92 -4.65
CA CYS A 96 -29.17 -21.35 -4.37
C CYS A 96 -30.60 -21.86 -4.54
N HIS A 97 -31.57 -21.04 -4.12
CA HIS A 97 -32.96 -21.42 -4.19
C HIS A 97 -33.38 -21.37 -5.64
N ARG A 98 -33.08 -20.30 -6.34
CA ARG A 98 -33.42 -20.24 -7.75
C ARG A 98 -32.81 -21.38 -8.55
N GLN A 99 -31.66 -21.89 -8.14
CA GLN A 99 -31.12 -23.06 -8.83
C GLN A 99 -32.12 -24.23 -8.74
N LYS A 100 -32.51 -24.58 -7.51
CA LYS A 100 -33.53 -25.60 -7.26
C LYS A 100 -34.69 -25.55 -8.25
N GLU A 101 -35.23 -24.35 -8.41
CA GLU A 101 -36.35 -24.11 -9.28
C GLU A 101 -35.97 -24.52 -10.70
N VAL A 102 -34.89 -23.94 -11.21
CA VAL A 102 -34.45 -24.23 -12.57
C VAL A 102 -34.15 -25.72 -12.74
N SER A 103 -33.57 -26.33 -11.70
CA SER A 103 -33.24 -27.76 -11.71
C SER A 103 -34.46 -28.66 -11.88
N GLU A 104 -35.57 -28.30 -11.24
CA GLU A 104 -36.83 -29.01 -11.44
C GLU A 104 -37.38 -28.80 -12.86
N GLU A 105 -37.37 -27.56 -13.32
CA GLU A 105 -37.80 -27.22 -14.69
C GLU A 105 -36.95 -27.85 -15.80
N ASN A 106 -35.76 -28.37 -15.48
CA ASN A 106 -34.84 -28.88 -16.50
C ASN A 106 -34.17 -30.21 -16.12
N HIS A 107 -34.99 -31.19 -15.78
CA HIS A 107 -34.55 -32.56 -15.64
C HIS A 107 -33.43 -32.73 -14.64
N ASN A 108 -33.45 -31.93 -13.58
CA ASN A 108 -32.49 -32.02 -12.49
C ASN A 108 -31.08 -31.50 -12.77
N HIS A 109 -30.94 -30.70 -13.82
CA HIS A 109 -29.66 -30.14 -14.17
C HIS A 109 -29.84 -28.65 -14.37
N HIS A 110 -29.20 -27.87 -13.49
CA HIS A 110 -29.28 -26.41 -13.54
C HIS A 110 -28.30 -25.77 -14.51
N ASN A 111 -27.26 -26.54 -14.88
CA ASN A 111 -26.32 -26.13 -15.92
C ASN A 111 -25.59 -24.82 -15.60
N GLU A 112 -24.87 -24.82 -14.47
CA GLU A 112 -24.09 -23.66 -14.04
C GLU A 112 -22.73 -23.53 -14.78
N ARG A 113 -22.43 -22.36 -15.32
CA ARG A 113 -21.13 -22.11 -15.98
C ARG A 113 -20.47 -20.86 -15.46
N MET A 114 -19.14 -20.89 -15.34
CA MET A 114 -18.40 -19.72 -14.91
C MET A 114 -18.23 -18.85 -16.13
N LEU A 115 -18.65 -17.59 -16.04
CA LEU A 115 -18.56 -16.65 -17.17
C LEU A 115 -18.15 -15.27 -16.68
N PHE A 116 -17.60 -14.45 -17.57
CA PHE A 116 -17.13 -13.12 -17.15
C PHE A 116 -18.20 -12.09 -17.42
N HIS A 117 -18.31 -11.09 -16.54
CA HIS A 117 -19.19 -9.97 -16.78
C HIS A 117 -18.43 -8.68 -16.74
N GLY A 118 -18.66 -7.83 -17.75
CA GLY A 118 -18.13 -6.49 -17.80
C GLY A 118 -19.20 -5.43 -17.96
N SER A 119 -19.21 -4.48 -17.03
CA SER A 119 -20.02 -3.26 -17.14
C SER A 119 -19.53 -2.21 -16.12
N PRO A 120 -19.99 -0.94 -16.27
CA PRO A 120 -19.70 0.08 -15.28
C PRO A 120 -20.23 -0.15 -13.87
N PHE A 121 -21.09 -1.15 -13.63
CA PHE A 121 -21.84 -1.17 -12.38
C PHE A 121 -21.45 -2.27 -11.41
N ILE A 122 -20.21 -2.72 -11.54
CA ILE A 122 -19.67 -3.79 -10.73
C ILE A 122 -19.80 -3.46 -9.25
N ASN A 123 -19.51 -2.21 -8.92
CA ASN A 123 -19.58 -1.76 -7.54
C ASN A 123 -20.97 -1.95 -6.92
N ALA A 124 -21.99 -1.53 -7.64
CA ALA A 124 -23.36 -1.83 -7.24
C ALA A 124 -23.53 -3.33 -7.04
N ILE A 125 -23.11 -4.05 -8.07
CA ILE A 125 -23.39 -5.47 -8.22
C ILE A 125 -22.85 -6.30 -7.07
N ILE A 126 -21.71 -5.94 -6.51
CA ILE A 126 -21.14 -6.78 -5.46
C ILE A 126 -21.83 -6.62 -4.10
N HIS A 127 -22.56 -5.52 -3.90
CA HIS A 127 -23.31 -5.32 -2.67
C HIS A 127 -24.77 -5.69 -2.79
N LYS A 128 -25.30 -5.59 -4.01
CA LYS A 128 -26.71 -5.82 -4.28
C LYS A 128 -26.98 -7.11 -5.04
N GLY A 129 -26.14 -7.44 -6.02
CA GLY A 129 -26.37 -8.55 -6.93
C GLY A 129 -26.81 -8.00 -8.27
N PHE A 130 -26.83 -8.84 -9.29
CA PHE A 130 -27.31 -8.38 -10.57
C PHE A 130 -28.79 -8.10 -10.41
N ASP A 131 -29.30 -7.15 -11.17
CA ASP A 131 -30.69 -6.72 -11.00
C ASP A 131 -31.30 -6.34 -12.34
N GLU A 132 -32.14 -7.24 -12.85
CA GLU A 132 -32.76 -7.08 -14.15
C GLU A 132 -33.60 -5.84 -14.30
N ARG A 133 -33.91 -5.14 -13.20
CA ARG A 133 -34.73 -3.93 -13.27
C ARG A 133 -33.93 -2.79 -13.90
N HIS A 134 -32.61 -2.96 -13.89
CA HIS A 134 -31.69 -2.00 -14.46
C HIS A 134 -31.28 -2.45 -15.88
N ALA A 135 -31.93 -3.47 -16.42
CA ALA A 135 -31.64 -3.90 -17.77
C ALA A 135 -32.80 -3.51 -18.65
N TYR A 136 -32.52 -2.85 -19.77
CA TYR A 136 -33.60 -2.35 -20.63
C TYR A 136 -33.60 -3.01 -22.00
N ILE A 137 -34.68 -2.78 -22.75
CA ILE A 137 -34.92 -3.47 -24.01
C ILE A 137 -33.84 -3.17 -25.06
N GLY A 138 -33.23 -2.00 -24.98
CA GLY A 138 -32.19 -1.59 -25.94
C GLY A 138 -31.02 -2.53 -26.26
N GLY A 139 -30.69 -3.45 -25.35
CA GLY A 139 -29.51 -4.32 -25.51
C GLY A 139 -29.47 -5.16 -26.79
N MET A 140 -28.33 -5.79 -27.07
CA MET A 140 -28.24 -6.62 -28.27
C MET A 140 -29.32 -7.71 -28.29
N PHE A 141 -29.62 -8.28 -27.12
CA PHE A 141 -30.62 -9.36 -26.98
C PHE A 141 -31.78 -8.99 -26.06
N GLY A 142 -31.89 -7.69 -25.75
CA GLY A 142 -32.98 -7.16 -24.94
C GLY A 142 -32.63 -7.00 -23.46
N ALA A 143 -33.66 -6.93 -22.62
CA ALA A 143 -33.49 -6.65 -21.20
C ALA A 143 -32.91 -7.81 -20.43
N GLY A 144 -31.71 -8.20 -20.84
CA GLY A 144 -30.95 -9.21 -20.13
C GLY A 144 -29.66 -8.66 -19.54
N ILE A 145 -28.98 -9.56 -18.83
CA ILE A 145 -27.72 -9.32 -18.20
C ILE A 145 -26.71 -10.14 -19.00
N TYR A 146 -25.66 -9.50 -19.50
CA TYR A 146 -24.81 -10.06 -20.56
C TYR A 146 -23.47 -10.59 -20.07
N PHE A 147 -23.15 -11.84 -20.40
CA PHE A 147 -21.88 -12.47 -20.01
C PHE A 147 -21.12 -12.95 -21.22
N ALA A 148 -19.95 -13.56 -20.97
CA ALA A 148 -19.08 -14.07 -22.02
C ALA A 148 -18.13 -15.16 -21.48
N GLU A 149 -17.71 -16.06 -22.35
CA GLU A 149 -16.78 -17.14 -21.99
C GLU A 149 -15.37 -16.62 -22.13
N ASN A 150 -15.25 -15.48 -22.79
CA ASN A 150 -13.99 -14.76 -23.03
C ASN A 150 -13.78 -13.50 -22.16
N SER A 151 -12.70 -13.46 -21.39
CA SER A 151 -12.35 -12.23 -20.66
C SER A 151 -12.37 -10.99 -21.58
N SER A 152 -11.77 -11.10 -22.75
CA SER A 152 -11.58 -9.94 -23.59
C SER A 152 -12.88 -9.37 -24.12
N LYS A 153 -13.93 -10.19 -24.14
CA LYS A 153 -15.25 -9.73 -24.56
C LYS A 153 -15.83 -8.81 -23.51
N SER A 154 -15.79 -9.26 -22.26
CA SER A 154 -16.28 -8.48 -21.14
C SER A 154 -15.46 -7.22 -20.94
N ASN A 155 -14.16 -7.29 -21.15
CA ASN A 155 -13.38 -6.07 -21.05
C ASN A 155 -13.80 -4.97 -22.04
N GLN A 156 -14.49 -5.30 -23.13
CA GLN A 156 -15.02 -4.26 -24.04
C GLN A 156 -16.11 -3.42 -23.41
N TYR A 157 -16.76 -3.96 -22.37
CA TYR A 157 -17.94 -3.33 -21.75
C TYR A 157 -17.72 -2.65 -20.38
N VAL A 158 -16.52 -2.77 -19.83
CA VAL A 158 -16.14 -2.18 -18.53
C VAL A 158 -16.35 -0.67 -18.42
N TYR A 159 -16.20 0.06 -19.52
CA TYR A 159 -16.45 1.52 -19.51
C TYR A 159 -17.72 1.94 -20.28
N GLY A 160 -18.59 0.98 -20.56
CA GLY A 160 -19.85 1.20 -21.27
C GLY A 160 -19.93 0.38 -22.53
N ILE A 161 -21.01 0.57 -23.26
CA ILE A 161 -21.18 -0.07 -24.57
C ILE A 161 -20.18 0.51 -25.57
N GLY A 162 -19.39 -0.36 -26.19
CA GLY A 162 -18.36 0.06 -27.13
C GLY A 162 -17.32 0.96 -26.49
N GLY A 163 -17.09 0.76 -25.19
CA GLY A 163 -16.11 1.55 -24.42
C GLY A 163 -16.52 2.95 -23.95
N GLY A 164 -17.74 3.38 -24.27
CA GLY A 164 -18.21 4.70 -23.89
C GLY A 164 -17.16 5.74 -24.20
N THR A 165 -16.77 6.51 -23.19
CA THR A 165 -15.74 7.54 -23.34
C THR A 165 -14.50 7.11 -22.53
N GLY A 166 -14.22 5.82 -22.53
CA GLY A 166 -13.05 5.27 -21.88
C GLY A 166 -13.08 5.39 -20.37
N CYS A 167 -11.89 5.49 -19.79
CA CYS A 167 -11.71 5.62 -18.35
C CYS A 167 -12.13 7.01 -17.87
N PRO A 168 -12.61 7.09 -16.60
CA PRO A 168 -13.06 8.36 -16.06
C PRO A 168 -12.08 9.49 -16.32
N THR A 169 -10.82 9.21 -16.02
CA THR A 169 -9.79 10.23 -15.86
C THR A 169 -9.06 10.68 -17.14
N HIS A 170 -8.94 9.82 -18.14
CA HIS A 170 -8.22 10.18 -19.39
C HIS A 170 -9.05 10.16 -20.68
N LYS A 171 -10.28 9.65 -20.62
CA LYS A 171 -11.12 9.49 -21.83
C LYS A 171 -10.41 8.66 -22.90
N ASP A 172 -9.88 7.52 -22.48
CA ASP A 172 -9.04 6.67 -23.33
C ASP A 172 -9.58 5.25 -23.19
N ARG A 173 -10.12 4.71 -24.28
CA ARG A 173 -10.64 3.33 -24.25
C ARG A 173 -9.55 2.33 -23.94
N SER A 174 -8.32 2.73 -24.25
CA SER A 174 -7.16 1.87 -24.14
C SER A 174 -6.19 2.31 -23.05
N CYS A 175 -6.70 2.75 -21.89
CA CYS A 175 -5.81 3.14 -20.79
C CYS A 175 -5.08 1.91 -20.26
N TYR A 176 -3.75 2.04 -20.28
CA TYR A 176 -2.88 1.02 -19.78
C TYR A 176 -2.51 1.25 -18.30
N ILE A 177 -3.05 2.30 -17.67
CA ILE A 177 -2.77 2.66 -16.28
C ILE A 177 -3.97 2.54 -15.34
N CYS A 178 -5.08 3.22 -15.65
CA CYS A 178 -6.26 3.12 -14.81
C CYS A 178 -6.66 1.66 -14.56
N HIS A 179 -7.02 1.40 -13.30
CA HIS A 179 -7.43 0.08 -12.86
C HIS A 179 -8.85 -0.24 -13.36
N ARG A 180 -8.99 -1.42 -13.94
CA ARG A 180 -10.25 -1.86 -14.43
C ARG A 180 -10.70 -2.94 -13.50
N GLN A 181 -12.00 -3.17 -13.54
CA GLN A 181 -12.57 -4.26 -12.80
C GLN A 181 -13.47 -5.08 -13.68
N MET A 182 -13.48 -6.38 -13.44
CA MET A 182 -14.55 -7.21 -13.96
C MET A 182 -14.74 -8.41 -13.07
N LEU A 183 -15.76 -9.19 -13.41
CA LEU A 183 -16.28 -10.21 -12.55
C LEU A 183 -16.20 -11.54 -13.22
N PHE A 184 -15.98 -12.57 -12.41
CA PHE A 184 -16.00 -13.94 -12.90
C PHE A 184 -17.08 -14.70 -12.10
N CYS A 185 -18.21 -14.93 -12.76
CA CYS A 185 -19.48 -15.27 -12.10
C CYS A 185 -19.90 -16.72 -12.26
N ARG A 186 -20.69 -17.21 -11.31
CA ARG A 186 -21.40 -18.46 -11.52
C ARG A 186 -22.74 -18.13 -12.08
N VAL A 187 -23.06 -18.71 -13.21
CA VAL A 187 -24.26 -18.39 -13.94
C VAL A 187 -25.09 -19.64 -14.07
N THR A 188 -26.35 -19.54 -13.69
CA THR A 188 -27.28 -20.62 -13.86
C THR A 188 -27.97 -20.45 -15.22
N LEU A 189 -27.58 -21.26 -16.20
CA LEU A 189 -28.16 -21.21 -17.55
C LEU A 189 -29.40 -22.11 -17.76
N GLY A 190 -29.55 -23.13 -16.93
CA GLY A 190 -30.63 -24.09 -17.07
C GLY A 190 -30.67 -24.66 -18.46
N LYS A 191 -31.58 -24.16 -19.28
CA LYS A 191 -31.79 -24.71 -20.60
C LYS A 191 -31.76 -23.57 -21.60
N SER A 192 -30.67 -23.47 -22.32
CA SER A 192 -30.43 -22.34 -23.17
C SER A 192 -31.11 -22.44 -24.52
N PHE A 193 -31.74 -21.36 -24.92
CA PHE A 193 -32.32 -21.22 -26.25
C PHE A 193 -31.21 -20.67 -27.11
N LEU A 194 -30.79 -21.41 -28.12
CA LEU A 194 -29.73 -20.96 -29.01
C LEU A 194 -30.26 -19.94 -30.03
N GLN A 195 -29.55 -18.84 -30.15
CA GLN A 195 -29.95 -17.72 -31.01
C GLN A 195 -28.75 -17.37 -31.90
N PHE A 196 -29.03 -16.96 -33.13
CA PHE A 196 -27.98 -16.76 -34.15
C PHE A 196 -27.98 -15.32 -34.74
N SER A 197 -29.16 -14.85 -35.14
CA SER A 197 -29.38 -13.44 -35.49
C SER A 197 -29.62 -12.60 -34.21
N THR A 198 -29.97 -11.32 -34.36
CA THR A 198 -30.32 -10.48 -33.19
C THR A 198 -31.83 -10.38 -33.00
N ILE A 199 -32.29 -10.68 -31.78
CA ILE A 199 -33.69 -10.47 -31.40
C ILE A 199 -33.74 -9.90 -30.00
N LYS A 200 -34.64 -8.93 -29.82
CA LYS A 200 -34.80 -8.19 -28.57
C LYS A 200 -35.94 -8.84 -27.81
N MET A 201 -35.68 -9.30 -26.60
CA MET A 201 -36.74 -9.85 -25.77
C MET A 201 -36.57 -9.49 -24.30
N ALA A 202 -37.70 -9.43 -23.62
CA ALA A 202 -37.80 -8.96 -22.26
C ALA A 202 -37.46 -10.04 -21.27
N HIS A 203 -37.75 -11.28 -21.61
CA HIS A 203 -37.55 -12.43 -20.71
C HIS A 203 -36.98 -13.60 -21.45
N ALA A 204 -36.61 -14.63 -20.72
CA ALA A 204 -36.27 -15.91 -21.34
C ALA A 204 -37.45 -16.41 -22.18
N PRO A 205 -37.18 -17.17 -23.25
CA PRO A 205 -38.33 -17.72 -24.02
C PRO A 205 -39.06 -18.82 -23.27
N PRO A 206 -40.33 -19.03 -23.59
CA PRO A 206 -41.05 -20.09 -22.89
C PRO A 206 -40.24 -21.40 -22.87
N GLY A 207 -40.23 -22.07 -21.72
CA GLY A 207 -39.53 -23.33 -21.56
C GLY A 207 -38.03 -23.29 -21.40
N HIS A 208 -37.47 -22.09 -21.38
CA HIS A 208 -36.02 -21.89 -21.35
C HIS A 208 -35.62 -20.96 -20.23
N HIS A 209 -34.32 -20.90 -19.95
CA HIS A 209 -33.81 -20.10 -18.82
C HIS A 209 -32.68 -19.14 -19.17
N SER A 210 -32.30 -19.07 -20.45
CA SER A 210 -31.16 -18.30 -20.90
C SER A 210 -31.16 -18.24 -22.42
N VAL A 211 -30.56 -17.20 -22.96
CA VAL A 211 -30.33 -17.15 -24.41
C VAL A 211 -28.85 -17.37 -24.60
N ILE A 212 -28.44 -17.97 -25.72
CA ILE A 212 -27.04 -17.95 -26.14
C ILE A 212 -26.97 -17.46 -27.57
N GLY A 213 -26.30 -16.33 -27.79
CA GLY A 213 -26.05 -15.85 -29.14
C GLY A 213 -24.71 -16.35 -29.68
N ARG A 214 -24.74 -17.17 -30.75
CA ARG A 214 -23.54 -17.85 -31.29
C ARG A 214 -23.07 -17.39 -32.69
N PRO A 215 -21.83 -17.79 -33.08
CA PRO A 215 -21.21 -17.46 -34.41
C PRO A 215 -21.82 -17.93 -35.75
N SER A 216 -21.24 -17.42 -36.85
CA SER A 216 -21.44 -17.92 -38.23
C SER A 216 -20.55 -17.19 -39.23
N LEU A 220 -22.21 -12.57 -35.82
CA LEU A 220 -21.64 -12.71 -34.48
C LEU A 220 -20.26 -13.32 -34.53
N ALA A 221 -19.40 -12.95 -33.59
CA ALA A 221 -17.97 -13.39 -33.59
C ALA A 221 -17.66 -14.40 -32.48
N TYR A 222 -18.02 -14.06 -31.24
CA TYR A 222 -17.82 -14.94 -30.10
C TYR A 222 -19.14 -15.14 -29.35
N ALA A 223 -19.13 -16.09 -28.43
CA ALA A 223 -20.31 -16.50 -27.69
C ALA A 223 -20.72 -15.45 -26.64
N GLU A 224 -22.03 -15.17 -26.58
CA GLU A 224 -22.63 -14.31 -25.53
C GLU A 224 -23.69 -15.07 -24.77
N TYR A 225 -23.78 -14.84 -23.47
CA TYR A 225 -24.75 -15.58 -22.65
C TYR A 225 -25.63 -14.56 -21.96
N VAL A 226 -26.94 -14.78 -22.00
CA VAL A 226 -27.84 -13.76 -21.52
C VAL A 226 -28.84 -14.42 -20.59
N ILE A 227 -28.90 -13.94 -19.36
CA ILE A 227 -29.98 -14.33 -18.48
C ILE A 227 -30.91 -13.12 -18.35
N TYR A 228 -32.18 -13.36 -17.97
CA TYR A 228 -33.14 -12.30 -17.76
C TYR A 228 -33.71 -12.19 -16.31
N ARG A 229 -33.06 -12.85 -15.35
CA ARG A 229 -33.32 -12.66 -13.91
C ARG A 229 -31.98 -12.58 -13.15
N GLY A 230 -31.81 -11.54 -12.34
CA GLY A 230 -30.55 -11.36 -11.63
C GLY A 230 -30.13 -12.47 -10.68
N GLU A 231 -31.05 -13.34 -10.25
CA GLU A 231 -30.77 -14.35 -9.23
C GLU A 231 -30.07 -15.54 -9.84
N GLN A 232 -29.97 -15.54 -11.17
CA GLN A 232 -29.32 -16.59 -11.93
C GLN A 232 -27.85 -16.26 -12.22
N ALA A 233 -27.26 -15.39 -11.41
CA ALA A 233 -25.84 -15.11 -11.47
C ALA A 233 -25.39 -14.70 -10.09
N TYR A 234 -24.26 -15.23 -9.66
CA TYR A 234 -23.68 -14.86 -8.39
C TYR A 234 -22.25 -14.37 -8.64
N PRO A 235 -21.95 -13.13 -8.25
CA PRO A 235 -20.62 -12.60 -8.55
C PRO A 235 -19.54 -13.19 -7.66
N GLU A 236 -19.11 -14.42 -7.99
CA GLU A 236 -18.17 -15.16 -7.17
C GLU A 236 -16.79 -14.49 -7.01
N TYR A 237 -16.28 -13.86 -8.06
CA TYR A 237 -14.89 -13.35 -8.05
C TYR A 237 -14.82 -11.95 -8.61
N LEU A 238 -14.22 -11.07 -7.81
CA LEU A 238 -13.90 -9.72 -8.24
C LEU A 238 -12.41 -9.59 -8.60
N ILE A 239 -12.19 -9.21 -9.86
CA ILE A 239 -10.84 -9.12 -10.40
C ILE A 239 -10.59 -7.67 -10.78
N THR A 240 -9.46 -7.21 -10.28
CA THR A 240 -9.00 -5.89 -10.52
C THR A 240 -7.73 -6.11 -11.29
N TYR A 241 -7.54 -5.29 -12.33
CA TYR A 241 -6.51 -5.54 -13.30
C TYR A 241 -6.26 -4.34 -14.16
N GLN A 242 -5.21 -4.40 -14.96
CA GLN A 242 -4.99 -3.46 -16.07
C GLN A 242 -4.62 -4.25 -17.34
N ILE A 243 -4.79 -3.62 -18.48
CA ILE A 243 -4.39 -4.22 -19.75
C ILE A 243 -2.97 -3.75 -20.10
N MET A 244 -2.12 -4.66 -20.54
CA MET A 244 -0.74 -4.34 -20.76
C MET A 244 -0.54 -3.91 -22.17
N LYS A 245 0.37 -2.98 -22.38
CA LYS A 245 0.73 -2.60 -23.73
C LYS A 245 1.72 -3.60 -24.29
N PRO A 246 1.52 -4.04 -25.55
CA PRO A 246 2.53 -4.84 -26.23
C PRO A 246 3.69 -3.93 -26.56
N GLU A 247 4.79 -4.44 -27.06
CA GLU A 247 6.03 -3.63 -26.98
C GLU A 247 5.89 -2.23 -27.63
N GLY B 38 26.59 -11.09 1.12
CA GLY B 38 26.31 -10.00 0.14
C GLY B 38 25.33 -8.95 0.65
N THR B 39 24.52 -8.40 -0.25
CA THR B 39 23.49 -7.40 0.05
C THR B 39 22.11 -8.00 0.42
N ILE B 40 21.39 -7.35 1.35
CA ILE B 40 20.06 -7.77 1.82
C ILE B 40 19.14 -6.60 1.69
N LEU B 41 17.96 -6.79 1.12
CA LEU B 41 16.97 -5.72 1.00
C LEU B 41 15.83 -5.92 1.96
N LEU B 42 15.60 -4.97 2.84
CA LEU B 42 14.48 -5.10 3.77
C LEU B 42 13.28 -4.34 3.26
N ASP B 43 12.16 -5.06 3.10
CA ASP B 43 10.87 -4.41 2.78
C ASP B 43 10.40 -3.53 3.92
N LEU B 44 10.07 -2.29 3.58
CA LEU B 44 9.41 -1.39 4.52
C LEU B 44 7.91 -1.40 4.28
N ALA B 45 7.14 -1.53 5.35
CA ALA B 45 5.69 -1.51 5.25
C ALA B 45 5.20 -0.07 5.09
N PRO B 46 4.13 0.15 4.30
CA PRO B 46 3.56 1.51 4.22
C PRO B 46 3.19 2.16 5.55
N GLU B 47 3.08 1.38 6.63
CA GLU B 47 2.78 1.90 7.98
C GLU B 47 4.03 2.20 8.81
N ASP B 48 5.16 1.62 8.43
CA ASP B 48 6.46 2.02 8.95
C ASP B 48 6.56 3.55 8.79
N LYS B 49 6.77 4.28 9.89
CA LYS B 49 7.04 5.74 9.84
C LYS B 49 8.17 6.07 8.83
N GLU B 50 9.18 5.19 8.75
CA GLU B 50 10.31 5.34 7.82
C GLU B 50 9.87 5.36 6.34
N TYR B 51 8.82 4.62 6.02
CA TYR B 51 8.31 4.55 4.66
C TYR B 51 7.76 5.93 4.30
N GLN B 52 6.87 6.44 5.16
CA GLN B 52 6.23 7.72 4.93
C GLN B 52 7.26 8.83 4.92
N SER B 53 8.27 8.69 5.78
CA SER B 53 9.33 9.67 5.81
C SER B 53 9.98 9.78 4.40
N VAL B 54 10.26 8.65 3.78
CA VAL B 54 10.95 8.68 2.51
C VAL B 54 10.02 9.19 1.40
N GLU B 55 8.78 8.70 1.40
CA GLU B 55 7.82 9.11 0.41
C GLU B 55 7.61 10.60 0.51
N GLU B 56 7.54 11.10 1.74
CA GLU B 56 7.30 12.51 1.94
C GLU B 56 8.36 13.34 1.28
N GLU B 57 9.61 12.99 1.55
CA GLU B 57 10.77 13.62 0.92
C GLU B 57 10.70 13.53 -0.58
N MET B 58 10.42 12.32 -1.06
CA MET B 58 10.36 12.11 -2.49
C MET B 58 9.26 12.94 -3.16
N GLN B 59 8.05 12.91 -2.61
CA GLN B 59 6.91 13.58 -3.22
C GLN B 59 7.05 15.10 -3.19
N SER B 60 7.40 15.64 -2.02
CA SER B 60 7.42 17.09 -1.83
C SER B 60 8.55 17.75 -2.60
N THR B 61 9.65 17.04 -2.75
CA THR B 61 10.80 17.61 -3.44
C THR B 61 10.62 17.66 -4.96
N ILE B 62 9.42 17.38 -5.48
CA ILE B 62 9.18 17.53 -6.93
C ILE B 62 9.16 19.03 -7.24
N ARG B 63 9.74 19.40 -8.38
CA ARG B 63 9.60 20.73 -8.97
C ARG B 63 9.34 20.60 -10.46
N GLU B 64 8.72 21.61 -11.05
CA GLU B 64 8.54 21.64 -12.52
C GLU B 64 9.83 22.14 -13.16
N HIS B 65 10.15 21.61 -14.34
CA HIS B 65 11.38 21.98 -15.05
C HIS B 65 11.10 22.77 -16.34
N GLY B 69 8.94 19.40 -19.29
CA GLY B 69 9.01 18.09 -18.62
C GLY B 69 9.58 16.98 -19.49
N ASN B 70 10.24 17.35 -20.57
CA ASN B 70 10.70 16.36 -21.52
C ASN B 70 11.39 15.13 -20.94
N ALA B 71 12.61 15.30 -20.47
CA ALA B 71 13.51 14.17 -20.22
C ALA B 71 13.08 13.14 -19.18
N GLY B 72 12.66 13.61 -18.02
CA GLY B 72 12.13 12.76 -16.98
C GLY B 72 10.67 12.42 -17.23
N GLY B 73 9.96 13.26 -17.98
CA GLY B 73 8.53 13.06 -18.29
C GLY B 73 7.64 14.03 -17.53
N ILE B 74 6.37 14.15 -17.94
CA ILE B 74 5.48 15.15 -17.39
C ILE B 74 4.59 14.62 -16.27
N PHE B 75 4.75 15.14 -15.04
CA PHE B 75 3.95 14.70 -13.88
C PHE B 75 3.94 15.70 -12.71
N ASN B 76 3.09 15.44 -11.72
CA ASN B 76 3.08 16.19 -10.46
C ASN B 76 3.26 15.37 -9.23
N ARG B 77 3.34 14.06 -9.41
CA ARG B 77 3.28 13.16 -8.28
C ARG B 77 3.82 11.82 -8.68
N TYR B 78 4.23 11.04 -7.69
CA TYR B 78 4.70 9.68 -7.93
C TYR B 78 3.73 8.68 -7.33
N ASN B 79 3.60 7.53 -7.99
CA ASN B 79 3.02 6.34 -7.38
C ASN B 79 4.16 5.49 -6.85
N VAL B 80 4.28 5.38 -5.55
CA VAL B 80 5.37 4.63 -4.97
C VAL B 80 4.95 3.21 -4.82
N ILE B 81 5.61 2.33 -5.56
CA ILE B 81 5.28 0.92 -5.53
C ILE B 81 5.90 0.23 -4.32
N ARG B 82 7.18 0.49 -4.08
CA ARG B 82 7.86 -0.22 -3.02
C ARG B 82 9.02 0.59 -2.50
N ILE B 83 9.36 0.38 -1.23
CA ILE B 83 10.61 0.90 -0.64
C ILE B 83 11.32 -0.13 0.21
N GLN B 84 12.55 -0.43 -0.19
CA GLN B 84 13.41 -1.34 0.53
C GLN B 84 14.64 -0.61 1.08
N LYS B 85 14.96 -0.91 2.33
CA LYS B 85 16.18 -0.47 2.95
C LYS B 85 17.29 -1.41 2.52
N VAL B 86 18.47 -0.88 2.21
CA VAL B 86 19.58 -1.70 1.68
C VAL B 86 20.61 -1.93 2.75
N VAL B 87 20.99 -3.16 2.99
CA VAL B 87 21.92 -3.47 4.05
C VAL B 87 23.07 -4.24 3.46
N ASN B 88 24.28 -3.73 3.61
CA ASN B 88 25.49 -4.43 3.16
C ASN B 88 26.69 -4.16 4.04
N LYS B 89 27.17 -5.18 4.73
CA LYS B 89 28.21 -5.03 5.76
C LYS B 89 29.44 -4.28 5.27
N LYS B 90 30.05 -4.78 4.19
CA LYS B 90 31.28 -4.25 3.65
C LYS B 90 31.10 -2.85 3.13
N LEU B 91 29.93 -2.54 2.60
CA LEU B 91 29.69 -1.19 2.17
C LEU B 91 29.56 -0.25 3.32
N ARG B 92 28.87 -0.66 4.37
CA ARG B 92 28.70 0.20 5.50
C ARG B 92 30.04 0.45 6.18
N GLU B 93 30.88 -0.59 6.31
CA GLU B 93 32.22 -0.43 6.92
C GLU B 93 33.05 0.59 6.16
N ARG B 94 33.01 0.55 4.83
CA ARG B 94 33.72 1.51 4.01
C ARG B 94 33.19 2.91 4.12
N PHE B 95 31.89 3.04 4.24
CA PHE B 95 31.28 4.35 4.38
C PHE B 95 31.66 4.96 5.70
N CYS B 96 31.50 4.19 6.77
CA CYS B 96 31.72 4.67 8.15
C CYS B 96 33.15 5.14 8.42
N HIS B 97 34.11 4.42 7.84
CA HIS B 97 35.50 4.73 8.05
C HIS B 97 35.81 5.98 7.27
N ARG B 98 35.44 6.05 6.02
CA ARG B 98 35.66 7.27 5.25
C ARG B 98 35.03 8.49 5.89
N GLN B 99 33.93 8.34 6.60
CA GLN B 99 33.40 9.50 7.34
C GLN B 99 34.46 10.02 8.33
N LYS B 100 34.95 9.15 9.22
CA LYS B 100 35.99 9.49 10.17
C LYS B 100 37.07 10.37 9.56
N GLU B 101 37.55 9.94 8.40
CA GLU B 101 38.61 10.63 7.71
C GLU B 101 38.15 12.03 7.41
N VAL B 102 37.01 12.15 6.71
CA VAL B 102 36.48 13.47 6.31
C VAL B 102 36.21 14.36 7.53
N SER B 103 35.72 13.75 8.61
CA SER B 103 35.47 14.43 9.89
C SER B 103 36.72 15.06 10.52
N GLU B 104 37.85 14.37 10.45
CA GLU B 104 39.13 14.94 10.87
C GLU B 104 39.57 16.07 9.93
N GLU B 105 39.49 15.86 8.62
CA GLU B 105 39.82 16.89 7.63
C GLU B 105 38.93 18.16 7.70
N ASN B 106 37.79 18.10 8.38
CA ASN B 106 36.82 19.22 8.37
C ASN B 106 36.22 19.50 9.77
N HIS B 107 37.10 19.71 10.74
CA HIS B 107 36.73 20.27 12.03
C HIS B 107 35.69 19.44 12.74
N ASN B 108 35.76 18.14 12.59
CA ASN B 108 34.86 17.21 13.26
C ASN B 108 33.43 17.13 12.74
N HIS B 109 33.19 17.62 11.52
CA HIS B 109 31.86 17.59 10.93
C HIS B 109 31.95 17.05 9.55
N HIS B 110 31.35 15.87 9.37
CA HIS B 110 31.39 15.19 8.06
C HIS B 110 30.30 15.68 7.11
N ASN B 111 29.27 16.33 7.65
CA ASN B 111 28.25 16.99 6.86
C ASN B 111 27.49 16.04 5.93
N GLU B 112 26.87 15.02 6.54
CA GLU B 112 26.07 14.03 5.80
C GLU B 112 24.66 14.55 5.43
N ARG B 113 24.28 14.43 4.16
CA ARG B 113 22.94 14.82 3.71
C ARG B 113 22.26 13.71 2.92
N MET B 114 20.95 13.55 3.11
CA MET B 114 20.19 12.58 2.35
C MET B 114 19.92 13.21 1.02
N LEU B 115 20.29 12.54 -0.07
CA LEU B 115 20.08 13.05 -1.43
C LEU B 115 19.67 11.92 -2.37
N PHE B 116 19.00 12.27 -3.47
CA PHE B 116 18.51 11.24 -4.38
C PHE B 116 19.51 11.02 -5.49
N HIS B 117 19.63 9.77 -5.94
CA HIS B 117 20.46 9.47 -7.10
C HIS B 117 19.63 8.77 -8.16
N GLY B 118 19.74 9.26 -9.39
CA GLY B 118 19.15 8.62 -10.55
C GLY B 118 20.16 8.29 -11.65
N SER B 119 20.19 7.02 -12.02
CA SER B 119 20.94 6.55 -13.20
C SER B 119 20.51 5.13 -13.58
N PRO B 120 20.94 4.66 -14.77
CA PRO B 120 20.67 3.28 -15.18
C PRO B 120 21.31 2.20 -14.33
N PHE B 121 22.21 2.51 -13.41
CA PHE B 121 23.08 1.47 -12.84
C PHE B 121 22.78 1.15 -11.39
N ILE B 122 21.54 1.43 -10.98
CA ILE B 122 21.11 1.22 -9.61
C ILE B 122 21.37 -0.22 -9.21
N ASN B 123 21.07 -1.13 -10.13
CA ASN B 123 21.21 -2.54 -9.83
C ASN B 123 22.62 -2.92 -9.45
N ALA B 124 23.58 -2.44 -10.24
CA ALA B 124 24.98 -2.62 -9.88
C ALA B 124 25.23 -2.04 -8.50
N ILE B 125 24.76 -0.81 -8.34
CA ILE B 125 25.06 0.02 -7.19
C ILE B 125 24.63 -0.59 -5.86
N ILE B 126 23.52 -1.31 -5.81
CA ILE B 126 23.07 -1.83 -4.53
C ILE B 126 23.86 -3.07 -4.08
N HIS B 127 24.55 -3.74 -4.99
CA HIS B 127 25.38 -4.90 -4.62
C HIS B 127 26.84 -4.54 -4.45
N LYS B 128 27.27 -3.50 -5.16
CA LYS B 128 28.68 -3.09 -5.19
C LYS B 128 28.95 -1.77 -4.46
N GLY B 129 28.05 -0.81 -4.59
CA GLY B 129 28.26 0.54 -4.08
C GLY B 129 28.59 1.46 -5.22
N PHE B 130 28.56 2.77 -4.98
CA PHE B 130 28.92 3.70 -6.02
C PHE B 130 30.40 3.50 -6.27
N ASP B 131 30.83 3.71 -7.50
CA ASP B 131 32.18 3.40 -7.88
C ASP B 131 32.70 4.38 -8.91
N GLU B 132 33.54 5.28 -8.44
CA GLU B 132 34.08 6.35 -9.27
C GLU B 132 34.86 5.88 -10.47
N ARG B 133 35.18 4.58 -10.54
CA ARG B 133 35.95 4.04 -11.67
C ARG B 133 35.08 3.98 -12.92
N HIS B 134 33.78 4.05 -12.69
CA HIS B 134 32.76 4.06 -13.74
C HIS B 134 32.26 5.46 -14.02
N ALA B 135 32.91 6.47 -13.45
CA ALA B 135 32.53 7.84 -13.73
C ALA B 135 33.62 8.45 -14.59
N TYR B 136 33.22 9.08 -15.70
CA TYR B 136 34.19 9.63 -16.67
C TYR B 136 34.10 11.14 -16.75
N ILE B 137 35.09 11.72 -17.41
CA ILE B 137 35.27 13.17 -17.45
C ILE B 137 34.09 13.89 -18.12
N GLY B 138 33.43 13.22 -19.06
CA GLY B 138 32.31 13.79 -19.81
C GLY B 138 31.17 14.47 -19.06
N GLY B 139 30.95 14.14 -17.78
CA GLY B 139 29.80 14.68 -17.00
C GLY B 139 29.67 16.20 -16.90
N MET B 140 28.54 16.70 -16.41
CA MET B 140 28.37 18.16 -16.27
C MET B 140 29.49 18.77 -15.40
N PHE B 141 29.92 18.05 -14.35
CA PHE B 141 30.99 18.48 -13.44
C PHE B 141 32.22 17.54 -13.39
N GLY B 142 32.30 16.62 -14.37
CA GLY B 142 33.44 15.73 -14.52
C GLY B 142 33.20 14.37 -13.89
N ALA B 143 34.29 13.65 -13.63
CA ALA B 143 34.23 12.26 -13.17
C ALA B 143 33.75 12.16 -11.72
N GLY B 144 32.55 12.66 -11.49
CA GLY B 144 31.89 12.51 -10.22
C GLY B 144 30.63 11.64 -10.31
N ILE B 145 30.05 11.46 -9.13
CA ILE B 145 28.82 10.74 -8.94
C ILE B 145 27.78 11.79 -8.55
N TYR B 146 26.66 11.85 -9.27
CA TYR B 146 25.77 13.02 -9.23
C TYR B 146 24.51 12.79 -8.42
N PHE B 147 24.20 13.68 -7.48
CA PHE B 147 22.99 13.59 -6.67
C PHE B 147 22.16 14.86 -6.79
N ALA B 148 21.05 14.88 -6.05
CA ALA B 148 20.12 16.02 -6.04
C ALA B 148 19.30 16.04 -4.77
N GLU B 149 18.86 17.23 -4.37
CA GLU B 149 17.99 17.42 -3.19
C GLU B 149 16.54 17.24 -3.60
N ASN B 150 16.32 17.27 -4.92
CA ASN B 150 15.02 17.07 -5.58
C ASN B 150 14.82 15.67 -6.21
N SER B 151 13.82 14.92 -5.79
CA SER B 151 13.45 13.70 -6.51
C SER B 151 13.35 13.90 -8.05
N SER B 152 12.68 14.96 -8.47
CA SER B 152 12.39 15.12 -9.87
C SER B 152 13.61 15.35 -10.74
N LYS B 153 14.69 15.80 -10.11
CA LYS B 153 15.97 16.00 -10.80
C LYS B 153 16.58 14.64 -11.14
N SER B 154 16.64 13.77 -10.14
CA SER B 154 17.19 12.44 -10.31
C SER B 154 16.32 11.61 -11.25
N ASN B 155 15.01 11.79 -11.21
CA ASN B 155 14.18 11.09 -12.17
C ASN B 155 14.49 11.43 -13.63
N GLN B 156 15.10 12.58 -13.90
CA GLN B 156 15.51 12.87 -15.29
C GLN B 156 16.62 11.95 -15.80
N TYR B 157 17.37 11.32 -14.88
CA TYR B 157 18.55 10.52 -15.20
C TYR B 157 18.41 8.99 -15.13
N VAL B 158 17.24 8.52 -14.68
CA VAL B 158 16.93 7.08 -14.56
C VAL B 158 17.07 6.26 -15.84
N TYR B 159 16.81 6.86 -17.00
CA TYR B 159 17.00 6.15 -18.29
C TYR B 159 18.20 6.65 -19.10
N GLY B 160 19.09 7.40 -18.46
CA GLY B 160 20.27 7.95 -19.10
C GLY B 160 20.29 9.46 -19.03
N ILE B 161 21.32 10.06 -19.61
CA ILE B 161 21.44 11.51 -19.66
C ILE B 161 20.37 12.06 -20.57
N GLY B 162 19.59 12.99 -20.06
CA GLY B 162 18.47 13.58 -20.80
C GLY B 162 17.44 12.56 -21.21
N GLY B 163 17.31 11.50 -20.40
CA GLY B 163 16.34 10.40 -20.65
C GLY B 163 16.72 9.31 -21.66
N GLY B 164 17.89 9.43 -22.28
CA GLY B 164 18.33 8.49 -23.30
C GLY B 164 17.24 8.22 -24.30
N THR B 165 16.88 6.95 -24.46
CA THR B 165 15.79 6.54 -25.34
C THR B 165 14.62 6.00 -24.50
N GLY B 166 14.40 6.63 -23.34
CA GLY B 166 13.29 6.27 -22.48
C GLY B 166 13.41 4.90 -21.85
N CYS B 167 12.26 4.31 -21.58
CA CYS B 167 12.18 2.98 -20.98
C CYS B 167 12.56 1.90 -22.00
N PRO B 168 13.12 0.75 -21.51
CA PRO B 168 13.52 -0.35 -22.39
C PRO B 168 12.44 -0.69 -23.42
N THR B 169 11.22 -0.86 -22.92
CA THR B 169 10.15 -1.53 -23.63
C THR B 169 9.29 -0.65 -24.58
N HIS B 170 9.19 0.66 -24.31
CA HIS B 170 8.38 1.54 -25.18
C HIS B 170 9.12 2.71 -25.86
N LYS B 171 10.39 2.96 -25.49
CA LYS B 171 11.14 4.10 -26.02
C LYS B 171 10.40 5.42 -25.75
N ASP B 172 9.95 5.60 -24.51
CA ASP B 172 9.11 6.73 -24.09
C ASP B 172 9.76 7.34 -22.83
N ARG B 173 10.27 8.58 -22.95
CA ARG B 173 10.88 9.31 -21.82
C ARG B 173 9.86 9.48 -20.68
N SER B 174 8.57 9.46 -21.06
CA SER B 174 7.45 9.70 -20.16
C SER B 174 6.54 8.49 -19.94
N CYS B 175 7.11 7.30 -19.80
CA CYS B 175 6.28 6.11 -19.54
C CYS B 175 5.63 6.21 -18.17
N TYR B 176 4.30 6.10 -18.20
CA TYR B 176 3.49 6.13 -17.01
C TYR B 176 3.22 4.73 -16.46
N ILE B 177 3.76 3.69 -17.13
CA ILE B 177 3.54 2.28 -16.73
C ILE B 177 4.80 1.57 -16.25
N CYS B 178 5.86 1.56 -17.07
CA CYS B 178 7.11 0.92 -16.67
C CYS B 178 7.58 1.42 -15.30
N HIS B 179 8.02 0.46 -14.49
CA HIS B 179 8.53 0.74 -13.17
C HIS B 179 9.93 1.38 -13.25
N ARG B 180 10.09 2.46 -12.51
CA ARG B 180 11.34 3.14 -12.44
C ARG B 180 11.91 2.86 -11.07
N GLN B 181 13.21 3.03 -10.97
CA GLN B 181 13.88 2.93 -9.71
C GLN B 181 14.74 4.14 -9.49
N MET B 182 14.84 4.58 -8.24
CA MET B 182 15.89 5.49 -7.83
C MET B 182 16.21 5.31 -6.36
N LEU B 183 17.25 6.02 -5.93
CA LEU B 183 17.87 5.79 -4.66
C LEU B 183 17.82 7.02 -3.80
N PHE B 184 17.70 6.80 -2.50
CA PHE B 184 17.73 7.90 -1.54
C PHE B 184 18.87 7.60 -0.57
N CYS B 185 19.97 8.35 -0.76
CA CYS B 185 21.31 8.01 -0.23
C CYS B 185 21.77 8.87 0.92
N ARG B 186 22.64 8.32 1.74
CA ARG B 186 23.39 9.14 2.69
C ARG B 186 24.69 9.52 2.04
N VAL B 187 24.94 10.82 1.96
CA VAL B 187 26.06 11.35 1.24
C VAL B 187 26.93 12.12 2.21
N THR B 188 28.21 11.80 2.20
CA THR B 188 29.17 12.52 3.02
C THR B 188 29.77 13.65 2.17
N LEU B 189 29.33 14.89 2.43
CA LEU B 189 29.79 16.07 1.67
C LEU B 189 31.03 16.77 2.26
N GLY B 190 31.27 16.56 3.55
CA GLY B 190 32.39 17.17 4.22
C GLY B 190 32.36 18.66 4.04
N LYS B 191 33.19 19.17 3.14
CA LYS B 191 33.34 20.60 2.95
C LYS B 191 33.20 20.92 1.48
N SER B 192 32.05 21.44 1.11
CA SER B 192 31.68 21.60 -0.29
C SER B 192 32.28 22.84 -0.92
N PHE B 193 32.83 22.69 -2.10
CA PHE B 193 33.28 23.79 -2.92
C PHE B 193 32.09 24.22 -3.74
N LEU B 194 31.63 25.45 -3.57
CA LEU B 194 30.47 25.94 -4.29
C LEU B 194 30.88 26.33 -5.71
N GLN B 195 30.12 25.85 -6.69
CA GLN B 195 30.38 26.07 -8.10
C GLN B 195 29.12 26.61 -8.78
N PHE B 196 29.29 27.49 -9.76
CA PHE B 196 28.16 28.23 -10.35
C PHE B 196 28.05 28.02 -11.88
N SER B 197 29.15 28.20 -12.59
CA SER B 197 29.24 27.80 -14.00
C SER B 197 29.57 26.30 -14.09
N THR B 198 29.85 25.81 -15.31
CA THR B 198 30.24 24.40 -15.48
C THR B 198 31.77 24.23 -15.63
N ILE B 199 32.35 23.36 -14.81
CA ILE B 199 33.77 22.99 -14.93
C ILE B 199 33.92 21.48 -14.73
N LYS B 200 34.80 20.90 -15.55
CA LYS B 200 35.03 19.45 -15.59
C LYS B 200 36.25 19.16 -14.75
N MET B 201 36.10 18.32 -13.73
CA MET B 201 37.23 17.94 -12.92
C MET B 201 37.17 16.49 -12.50
N ALA B 202 38.35 15.93 -12.29
CA ALA B 202 38.54 14.53 -12.04
C ALA B 202 38.30 14.19 -10.58
N HIS B 203 38.64 15.12 -9.68
CA HIS B 203 38.55 14.88 -8.23
C HIS B 203 37.97 16.08 -7.55
N ALA B 204 37.68 15.95 -6.25
CA ALA B 204 37.36 17.13 -5.44
C ALA B 204 38.48 18.17 -5.53
N PRO B 205 38.15 19.45 -5.41
CA PRO B 205 39.25 20.44 -5.36
C PRO B 205 40.10 20.37 -4.09
N PRO B 206 41.34 20.85 -4.16
CA PRO B 206 42.14 20.80 -2.97
C PRO B 206 41.38 21.36 -1.75
N GLY B 207 41.49 20.69 -0.61
CA GLY B 207 40.88 21.16 0.63
C GLY B 207 39.42 20.92 0.81
N HIS B 208 38.80 20.27 -0.19
CA HIS B 208 37.34 20.05 -0.22
C HIS B 208 37.01 18.61 -0.46
N HIS B 209 35.73 18.27 -0.27
CA HIS B 209 35.31 16.88 -0.35
C HIS B 209 34.13 16.66 -1.28
N SER B 210 33.65 17.73 -1.93
CA SER B 210 32.43 17.67 -2.73
C SER B 210 32.30 18.94 -3.53
N VAL B 211 31.61 18.89 -4.66
CA VAL B 211 31.28 20.10 -5.39
C VAL B 211 29.79 20.30 -5.20
N ILE B 212 29.32 21.55 -5.19
CA ILE B 212 27.88 21.84 -5.30
C ILE B 212 27.66 22.83 -6.42
N GLY B 213 26.93 22.44 -7.46
CA GLY B 213 26.57 23.35 -8.53
C GLY B 213 25.22 24.02 -8.27
N ARG B 214 25.21 25.33 -8.08
CA ARG B 214 24.01 26.10 -7.66
C ARG B 214 23.42 27.06 -8.71
N PRO B 215 22.18 27.55 -8.46
CA PRO B 215 21.50 28.56 -9.30
C PRO B 215 22.20 29.93 -9.36
N LEU B 220 22.16 27.41 -14.32
CA LEU B 220 21.69 26.27 -13.53
C LEU B 220 20.32 26.57 -12.94
N ALA B 221 19.51 25.53 -12.74
CA ALA B 221 18.13 25.71 -12.25
C ALA B 221 17.93 25.22 -10.80
N TYR B 222 18.37 24.00 -10.52
CA TYR B 222 18.29 23.44 -9.15
C TYR B 222 19.66 22.92 -8.72
N ALA B 223 19.75 22.57 -7.43
CA ALA B 223 21.01 22.18 -6.80
C ALA B 223 21.45 20.79 -7.21
N GLU B 224 22.74 20.64 -7.53
CA GLU B 224 23.40 19.33 -7.82
C GLU B 224 24.54 19.10 -6.86
N TYR B 225 24.74 17.86 -6.43
CA TYR B 225 25.78 17.55 -5.46
C TYR B 225 26.67 16.50 -6.08
N VAL B 226 27.98 16.69 -6.02
CA VAL B 226 28.87 15.81 -6.73
C VAL B 226 29.98 15.36 -5.79
N ILE B 227 30.13 14.07 -5.63
CA ILE B 227 31.27 13.54 -4.93
C ILE B 227 32.14 12.84 -5.95
N TYR B 228 33.43 12.67 -5.65
CA TYR B 228 34.37 12.03 -6.56
C TYR B 228 35.03 10.76 -5.98
N ARG B 229 34.49 10.24 -4.89
CA ARG B 229 34.84 8.91 -4.35
C ARG B 229 33.59 8.16 -3.95
N GLY B 230 33.41 6.94 -4.45
CA GLY B 230 32.21 6.19 -4.16
C GLY B 230 31.90 5.92 -2.71
N GLU B 231 32.88 6.01 -1.81
CA GLU B 231 32.70 5.58 -0.42
C GLU B 231 32.01 6.65 0.37
N GLN B 232 31.83 7.79 -0.29
CA GLN B 232 31.16 8.94 0.30
C GLN B 232 29.66 8.97 0.01
N ALA B 233 29.10 7.80 -0.30
CA ALA B 233 27.66 7.66 -0.49
C ALA B 233 27.28 6.23 -0.17
N TYR B 234 26.21 6.07 0.58
CA TYR B 234 25.71 4.76 0.92
C TYR B 234 24.26 4.66 0.49
N PRO B 235 23.93 3.71 -0.40
CA PRO B 235 22.57 3.67 -0.92
C PRO B 235 21.57 3.14 0.09
N GLU B 236 21.17 3.98 1.03
CA GLU B 236 20.33 3.59 2.15
C GLU B 236 18.95 3.06 1.73
N TYR B 237 18.35 3.65 0.69
CA TYR B 237 16.95 3.33 0.35
C TYR B 237 16.76 3.14 -1.13
N LEU B 238 16.16 2.00 -1.47
CA LEU B 238 15.75 1.68 -2.84
C LEU B 238 14.25 1.89 -3.02
N ILE B 239 13.92 2.80 -3.93
CA ILE B 239 12.54 3.18 -4.18
C ILE B 239 12.19 2.81 -5.61
N THR B 240 11.07 2.10 -5.71
CA THR B 240 10.54 1.64 -6.94
C THR B 240 9.24 2.36 -7.02
N TYR B 241 8.94 2.88 -8.21
CA TYR B 241 7.85 3.80 -8.39
C TYR B 241 7.50 3.96 -9.85
N GLN B 242 6.39 4.65 -10.11
CA GLN B 242 6.05 5.16 -11.44
C GLN B 242 5.62 6.62 -11.35
N ILE B 243 5.69 7.33 -12.47
CA ILE B 243 5.23 8.70 -12.52
C ILE B 243 3.79 8.73 -13.01
N MET B 244 2.95 9.52 -12.35
CA MET B 244 1.53 9.50 -12.62
C MET B 244 1.21 10.51 -13.67
N LYS B 245 0.24 10.20 -14.53
CA LYS B 245 -0.21 11.17 -15.50
C LYS B 245 -1.20 12.11 -14.81
N PRO B 246 -1.09 13.44 -15.09
CA PRO B 246 -2.12 14.39 -14.65
C PRO B 246 -3.33 14.19 -15.52
N GLU B 247 -4.44 14.87 -15.25
CA GLU B 247 -5.71 14.39 -15.84
C GLU B 247 -5.67 14.26 -17.38
N GLY C 38 5.36 55.07 4.67
CA GLY C 38 5.54 53.82 5.46
C GLY C 38 5.46 52.56 4.61
N THR C 39 4.92 51.50 5.20
CA THR C 39 4.71 50.19 4.53
C THR C 39 3.37 50.09 3.79
N ILE C 40 3.35 49.40 2.64
CA ILE C 40 2.14 49.17 1.81
C ILE C 40 1.99 47.69 1.58
N LEU C 41 0.80 47.12 1.80
CA LEU C 41 0.57 45.71 1.55
C LEU C 41 -0.24 45.54 0.31
N LEU C 42 0.29 44.82 -0.66
CA LEU C 42 -0.49 44.53 -1.86
C LEU C 42 -1.15 43.17 -1.78
N ASP C 43 -2.47 43.16 -1.89
CA ASP C 43 -3.21 41.90 -2.02
C ASP C 43 -2.86 41.18 -3.30
N LEU C 44 -2.51 39.90 -3.17
CA LEU C 44 -2.36 39.05 -4.32
C LEU C 44 -3.63 38.25 -4.54
N ALA C 45 -4.09 38.22 -5.78
CA ALA C 45 -5.26 37.41 -6.13
C ALA C 45 -4.88 35.93 -6.25
N PRO C 46 -5.78 35.00 -5.83
CA PRO C 46 -5.51 33.58 -6.04
C PRO C 46 -5.14 33.15 -7.46
N GLU C 47 -5.43 33.99 -8.46
CA GLU C 47 -5.07 33.72 -9.87
C GLU C 47 -3.71 34.28 -10.27
N ASP C 48 -3.22 35.27 -9.53
CA ASP C 48 -1.84 35.76 -9.66
C ASP C 48 -0.92 34.53 -9.58
N LYS C 49 -0.11 34.30 -10.61
CA LYS C 49 0.89 33.20 -10.60
C LYS C 49 1.75 33.24 -9.32
N GLU C 50 2.04 34.45 -8.86
CA GLU C 50 2.84 34.69 -7.66
C GLU C 50 2.17 34.11 -6.39
N TYR C 51 0.84 34.13 -6.36
CA TYR C 51 0.10 33.60 -5.22
C TYR C 51 0.37 32.11 -5.17
N GLN C 52 0.13 31.44 -6.29
CA GLN C 52 0.28 30.00 -6.37
C GLN C 52 1.73 29.61 -6.13
N SER C 53 2.64 30.44 -6.62
CA SER C 53 4.03 30.18 -6.39
C SER C 53 4.30 30.08 -4.88
N VAL C 54 3.75 31.00 -4.12
CA VAL C 54 4.04 31.04 -2.68
C VAL C 54 3.33 29.90 -1.94
N GLU C 55 2.07 29.70 -2.28
CA GLU C 55 1.33 28.62 -1.71
C GLU C 55 2.02 27.28 -2.01
N GLU C 56 2.53 27.11 -3.23
CA GLU C 56 3.18 25.85 -3.63
C GLU C 56 4.33 25.56 -2.73
N GLU C 57 5.19 26.56 -2.54
CA GLU C 57 6.30 26.48 -1.61
C GLU C 57 5.85 26.18 -0.22
N MET C 58 4.83 26.90 0.24
CA MET C 58 4.35 26.75 1.59
C MET C 58 3.82 25.35 1.82
N GLN C 59 2.98 24.88 0.91
CA GLN C 59 2.29 23.58 1.09
C GLN C 59 3.27 22.41 0.98
N SER C 60 4.09 22.40 -0.06
CA SER C 60 5.00 21.26 -0.35
C SER C 60 6.10 21.11 0.70
N THR C 61 6.55 22.23 1.25
CA THR C 61 7.61 22.20 2.24
C THR C 61 7.16 21.69 3.62
N ILE C 62 5.94 21.23 3.74
CA ILE C 62 5.53 20.62 4.99
C ILE C 62 6.26 19.30 5.16
N ARG C 63 6.65 19.01 6.38
CA ARG C 63 7.09 17.66 6.76
C ARG C 63 6.26 17.32 7.99
N GLU C 64 5.64 16.13 7.96
CA GLU C 64 4.89 15.61 9.08
C GLU C 64 5.77 14.65 9.85
N HIS C 65 6.79 14.08 9.20
CA HIS C 65 7.53 12.97 9.77
C HIS C 65 8.99 13.34 10.14
N ARG C 66 9.12 14.24 11.13
CA ARG C 66 10.40 14.70 11.66
C ARG C 66 10.37 14.80 13.19
N ASN C 70 2.30 19.20 17.49
CA ASN C 70 3.32 18.77 18.43
C ASN C 70 3.64 19.96 19.33
N ALA C 71 4.14 21.02 18.69
CA ALA C 71 4.28 22.38 19.14
C ALA C 71 3.55 23.26 18.11
N GLY C 72 3.72 22.94 16.83
CA GLY C 72 3.00 23.62 15.75
C GLY C 72 1.60 23.08 15.52
N GLY C 73 1.38 21.83 15.92
CA GLY C 73 0.06 21.16 15.78
C GLY C 73 0.08 20.11 14.70
N ILE C 74 -0.93 19.25 14.65
CA ILE C 74 -0.94 18.08 13.77
C ILE C 74 -1.72 18.33 12.48
N PHE C 75 -1.03 18.31 11.34
CA PHE C 75 -1.67 18.56 10.04
C PHE C 75 -0.89 18.03 8.84
N ASN C 76 -1.52 18.00 7.68
CA ASN C 76 -0.86 17.65 6.43
C ASN C 76 -0.94 18.76 5.37
N ARG C 77 -1.60 19.87 5.71
CA ARG C 77 -1.92 20.87 4.71
C ARG C 77 -2.29 22.17 5.37
N TYR C 78 -2.20 23.28 4.65
CA TYR C 78 -2.67 24.57 5.13
C TYR C 78 -3.88 25.05 4.33
N ASN C 79 -4.78 25.77 5.01
CA ASN C 79 -5.78 26.59 4.34
C ASN C 79 -5.27 28.00 4.27
N VAL C 80 -4.94 28.47 3.07
CA VAL C 80 -4.34 29.80 2.93
C VAL C 80 -5.43 30.82 2.78
N ILE C 81 -5.55 31.71 3.76
CA ILE C 81 -6.61 32.70 3.76
C ILE C 81 -6.24 33.87 2.87
N ARG C 82 -5.02 34.37 3.01
CA ARG C 82 -4.62 35.55 2.28
C ARG C 82 -3.12 35.59 2.08
N ILE C 83 -2.70 36.24 0.99
CA ILE C 83 -1.30 36.57 0.79
C ILE C 83 -1.15 38.00 0.29
N GLN C 84 -0.37 38.79 1.05
CA GLN C 84 0.01 40.14 0.68
C GLN C 84 1.51 40.27 0.48
N LYS C 85 1.88 40.96 -0.59
CA LYS C 85 3.26 41.35 -0.85
C LYS C 85 3.55 42.60 -0.04
N VAL C 86 4.72 42.69 0.58
CA VAL C 86 5.05 43.82 1.45
C VAL C 86 5.99 44.76 0.75
N VAL C 87 5.64 46.03 0.70
CA VAL C 87 6.46 47.00 -0.01
C VAL C 87 6.83 48.11 0.96
N ASN C 88 8.13 48.32 1.14
CA ASN C 88 8.64 49.42 1.97
C ASN C 88 9.96 49.97 1.46
N LYS C 89 9.94 51.22 0.98
CA LYS C 89 11.09 51.78 0.27
C LYS C 89 12.39 51.70 1.06
N LYS C 90 12.37 52.26 2.27
CA LYS C 90 13.57 52.37 3.13
C LYS C 90 14.05 50.99 3.56
N LEU C 91 13.15 50.02 3.71
CA LEU C 91 13.58 48.67 4.01
C LEU C 91 14.26 48.02 2.83
N ARG C 92 13.72 48.21 1.63
CA ARG C 92 14.31 47.63 0.45
C ARG C 92 15.69 48.25 0.17
N GLU C 93 15.82 49.57 0.33
CA GLU C 93 17.12 50.22 0.16
C GLU C 93 18.18 49.69 1.12
N ARG C 94 17.81 49.43 2.37
CA ARG C 94 18.74 48.82 3.33
C ARG C 94 19.11 47.38 3.03
N PHE C 95 18.17 46.63 2.50
CA PHE C 95 18.43 45.26 2.12
C PHE C 95 19.37 45.22 0.94
N CYS C 96 19.07 46.00 -0.09
CA CYS C 96 19.86 46.04 -1.35
C CYS C 96 21.32 46.46 -1.19
N HIS C 97 21.57 47.43 -0.31
CA HIS C 97 22.92 47.91 -0.04
C HIS C 97 23.69 46.86 0.73
N ARG C 98 23.11 46.33 1.80
CA ARG C 98 23.80 45.27 2.51
C ARG C 98 24.12 44.04 1.65
N GLN C 99 23.32 43.77 0.63
CA GLN C 99 23.70 42.70 -0.29
C GLN C 99 25.06 43.01 -0.91
N LYS C 100 25.18 44.18 -1.55
CA LYS C 100 26.45 44.62 -2.15
C LYS C 100 27.65 44.28 -1.27
N GLU C 101 27.52 44.63 0.01
CA GLU C 101 28.58 44.44 0.99
C GLU C 101 28.93 42.98 1.05
N VAL C 102 27.93 42.17 1.35
CA VAL C 102 28.13 40.73 1.45
C VAL C 102 28.71 40.15 0.18
N SER C 103 28.22 40.63 -0.98
CA SER C 103 28.68 40.17 -2.29
C SER C 103 30.17 40.41 -2.51
N GLU C 104 30.67 41.54 -2.04
CA GLU C 104 32.11 41.80 -2.07
C GLU C 104 32.87 40.89 -1.11
N GLU C 105 32.38 40.75 0.12
CA GLU C 105 32.98 39.82 1.11
C GLU C 105 32.98 38.34 0.70
N ASN C 106 32.21 37.94 -0.32
CA ASN C 106 32.05 36.54 -0.68
C ASN C 106 32.08 36.27 -2.19
N HIS C 107 33.14 36.76 -2.82
CA HIS C 107 33.45 36.39 -4.20
C HIS C 107 32.31 36.68 -5.17
N ASN C 108 31.60 37.78 -4.93
CA ASN C 108 30.54 38.23 -5.82
C ASN C 108 29.25 37.43 -5.80
N HIS C 109 29.04 36.62 -4.76
CA HIS C 109 27.81 35.85 -4.63
C HIS C 109 27.22 36.08 -3.26
N HIS C 110 26.04 36.73 -3.21
CA HIS C 110 25.39 37.06 -1.94
C HIS C 110 24.55 35.93 -1.41
N ASN C 111 24.19 34.98 -2.29
CA ASN C 111 23.55 33.73 -1.92
C ASN C 111 22.19 33.94 -1.23
N GLU C 112 21.27 34.58 -1.95
CA GLU C 112 19.93 34.85 -1.43
C GLU C 112 19.01 33.64 -1.55
N ARG C 113 18.32 33.28 -0.46
CA ARG C 113 17.33 32.21 -0.48
C ARG C 113 16.00 32.64 0.12
N MET C 114 14.89 32.17 -0.45
CA MET C 114 13.57 32.45 0.10
C MET C 114 13.39 31.49 1.25
N LEU C 115 13.06 31.99 2.44
CA LEU C 115 12.88 31.16 3.61
C LEU C 115 11.69 31.65 4.42
N PHE C 116 11.10 30.78 5.24
CA PHE C 116 9.95 31.18 6.02
C PHE C 116 10.37 31.63 7.40
N HIS C 117 9.69 32.63 7.95
CA HIS C 117 9.90 33.04 9.34
C HIS C 117 8.62 32.96 10.13
N GLY C 118 8.71 32.35 11.31
CA GLY C 118 7.62 32.30 12.26
C GLY C 118 8.01 32.85 13.63
N SER C 119 7.25 33.83 14.08
CA SER C 119 7.31 34.31 15.47
C SER C 119 6.05 35.14 15.80
N PRO C 120 5.87 35.46 17.09
CA PRO C 120 4.80 36.41 17.48
C PRO C 120 4.88 37.86 16.94
N PHE C 121 5.99 38.28 16.33
CA PHE C 121 6.22 39.72 16.14
C PHE C 121 6.12 40.17 14.70
N ILE C 122 5.37 39.40 13.90
CA ILE C 122 5.24 39.64 12.47
C ILE C 122 4.74 41.03 12.22
N ASN C 123 3.79 41.44 13.06
CA ASN C 123 3.23 42.78 12.91
C ASN C 123 4.26 43.90 13.03
N ALA C 124 5.10 43.81 14.05
CA ALA C 124 6.21 44.74 14.15
C ALA C 124 7.04 44.71 12.88
N ILE C 125 7.37 43.49 12.50
CA ILE C 125 8.34 43.23 11.46
C ILE C 125 7.97 43.80 10.11
N ILE C 126 6.69 43.84 9.78
CA ILE C 126 6.31 44.32 8.45
C ILE C 126 6.35 45.85 8.32
N HIS C 127 6.34 46.57 9.44
CA HIS C 127 6.48 48.04 9.41
C HIS C 127 7.90 48.50 9.66
N LYS C 128 8.65 47.72 10.43
CA LYS C 128 9.99 48.09 10.86
C LYS C 128 11.09 47.32 10.14
N GLY C 129 10.87 46.02 9.93
CA GLY C 129 11.89 45.13 9.44
C GLY C 129 12.44 44.30 10.58
N PHE C 130 13.22 43.27 10.25
CA PHE C 130 13.73 42.44 11.30
C PHE C 130 14.72 43.32 12.00
N ASP C 131 14.90 43.11 13.29
CA ASP C 131 15.75 43.98 14.08
C ASP C 131 16.49 43.18 15.15
N GLU C 132 17.77 42.96 14.90
CA GLU C 132 18.62 42.18 15.78
C GLU C 132 18.73 42.72 17.20
N ARG C 133 18.28 43.95 17.44
CA ARG C 133 18.35 44.55 18.77
C ARG C 133 17.34 43.87 19.70
N HIS C 134 16.36 43.18 19.09
CA HIS C 134 15.34 42.43 19.80
C HIS C 134 15.68 40.95 19.85
N ALA C 135 16.88 40.57 19.44
CA ALA C 135 17.30 39.19 19.51
C ALA C 135 18.35 39.06 20.59
N TYR C 136 18.14 38.11 21.52
CA TYR C 136 19.04 37.97 22.67
C TYR C 136 19.76 36.65 22.66
N ILE C 137 20.73 36.53 23.54
CA ILE C 137 21.63 35.37 23.54
C ILE C 137 20.87 34.05 23.78
N GLY C 138 19.77 34.09 24.52
CA GLY C 138 19.02 32.88 24.86
C GLY C 138 18.63 31.89 23.76
N GLY C 139 18.54 32.34 22.50
CA GLY C 139 18.04 31.48 21.40
C GLY C 139 18.78 30.16 21.19
N MET C 140 18.23 29.30 20.35
CA MET C 140 18.90 28.02 20.06
C MET C 140 20.33 28.22 19.54
N PHE C 141 20.53 29.25 18.72
CA PHE C 141 21.85 29.57 18.14
C PHE C 141 22.36 30.98 18.54
N GLY C 142 21.72 31.58 19.55
CA GLY C 142 22.12 32.89 20.08
C GLY C 142 21.32 34.04 19.51
N ALA C 143 21.88 35.25 19.63
CA ALA C 143 21.19 36.48 19.23
C ALA C 143 21.04 36.64 17.71
N GLY C 144 20.39 35.67 17.10
CA GLY C 144 20.06 35.72 15.71
C GLY C 144 18.55 35.78 15.45
N ILE C 145 18.22 35.85 14.16
CA ILE C 145 16.88 35.87 13.63
C ILE C 145 16.70 34.57 12.88
N TYR C 146 15.67 33.79 13.19
CA TYR C 146 15.61 32.38 12.82
C TYR C 146 14.66 32.09 11.68
N PHE C 147 15.12 31.40 10.64
CA PHE C 147 14.29 31.03 9.48
C PHE C 147 14.28 29.54 9.26
N ALA C 148 13.59 29.10 8.20
CA ALA C 148 13.48 27.68 7.84
C ALA C 148 13.13 27.50 6.35
N GLU C 149 13.53 26.36 5.77
CA GLU C 149 13.23 26.06 4.36
C GLU C 149 11.92 25.37 4.29
N ASN C 150 11.44 24.95 5.46
CA ASN C 150 10.14 24.29 5.67
C ASN C 150 9.06 25.19 6.31
N SER C 151 7.93 25.38 5.63
CA SER C 151 6.82 26.06 6.26
C SER C 151 6.54 25.50 7.66
N SER C 152 6.51 24.18 7.77
CA SER C 152 6.05 23.54 8.99
C SER C 152 6.96 23.79 10.19
N LYS C 153 8.19 24.15 9.92
CA LYS C 153 9.13 24.49 10.97
C LYS C 153 8.83 25.85 11.57
N SER C 154 8.61 26.82 10.70
CA SER C 154 8.27 28.17 11.15
C SER C 154 6.88 28.19 11.83
N ASN C 155 5.95 27.38 11.35
CA ASN C 155 4.70 27.31 12.04
C ASN C 155 4.83 26.84 13.50
N GLN C 156 5.90 26.15 13.87
CA GLN C 156 6.08 25.79 15.28
C GLN C 156 6.32 27.00 16.17
N TYR C 157 6.75 28.12 15.59
CA TYR C 157 7.17 29.32 16.36
C TYR C 157 6.20 30.50 16.36
N VAL C 158 5.12 30.39 15.60
CA VAL C 158 4.09 31.45 15.48
C VAL C 158 3.47 31.89 16.82
N TYR C 159 3.36 30.97 17.78
CA TYR C 159 2.81 31.30 19.12
C TYR C 159 3.85 31.33 20.23
N GLY C 160 5.11 31.37 19.83
CA GLY C 160 6.24 31.39 20.77
C GLY C 160 7.14 30.18 20.56
N ILE C 161 8.17 30.09 21.39
CA ILE C 161 9.08 28.95 21.37
C ILE C 161 8.34 27.69 21.83
N GLY C 162 8.38 26.66 21.00
CA GLY C 162 7.69 25.41 21.30
C GLY C 162 6.18 25.58 21.44
N GLY C 163 5.64 26.55 20.72
CA GLY C 163 4.19 26.83 20.71
C GLY C 163 3.65 27.61 21.88
N GLY C 164 4.52 27.98 22.82
CA GLY C 164 4.11 28.70 24.01
C GLY C 164 2.89 28.04 24.61
N THR C 165 1.83 28.83 24.77
CA THR C 165 0.58 28.34 25.31
C THR C 165 -0.47 28.37 24.19
N GLY C 166 -0.05 28.07 22.98
CA GLY C 166 -0.94 28.03 21.84
C GLY C 166 -1.50 29.38 21.43
N CYS C 167 -2.71 29.34 20.86
CA CYS C 167 -3.41 30.53 20.41
C CYS C 167 -3.94 31.32 21.62
N PRO C 168 -4.05 32.67 21.47
CA PRO C 168 -4.52 33.53 22.56
C PRO C 168 -5.76 33.01 23.23
N THR C 169 -6.75 32.65 22.41
CA THR C 169 -8.12 32.41 22.84
C THR C 169 -8.45 31.00 23.35
N HIS C 170 -7.77 29.96 22.88
CA HIS C 170 -8.07 28.58 23.31
C HIS C 170 -6.95 27.83 24.04
N LYS C 171 -5.73 28.38 24.06
CA LYS C 171 -4.57 27.73 24.67
C LYS C 171 -4.32 26.36 24.05
N ASP C 172 -4.34 26.31 22.72
CA ASP C 172 -4.31 25.07 21.97
C ASP C 172 -3.23 25.25 20.93
N ARG C 173 -2.14 24.48 21.07
CA ARG C 173 -1.04 24.54 20.12
C ARG C 173 -1.52 24.16 18.74
N SER C 174 -2.60 23.38 18.70
CA SER C 174 -3.15 22.82 17.49
C SER C 174 -4.52 23.39 17.11
N CYS C 175 -4.73 24.69 17.27
CA CYS C 175 -6.00 25.30 16.86
C CYS C 175 -6.14 25.24 15.34
N TYR C 176 -7.25 24.64 14.93
CA TYR C 176 -7.62 24.52 13.54
C TYR C 176 -8.51 25.68 13.06
N ILE C 177 -8.82 26.64 13.94
CA ILE C 177 -9.71 27.79 13.64
C ILE C 177 -8.98 29.14 13.69
N CYS C 178 -8.35 29.46 14.82
CA CYS C 178 -7.64 30.74 14.91
C CYS C 178 -6.68 30.95 13.73
N HIS C 179 -6.69 32.19 13.21
CA HIS C 179 -5.82 32.60 12.07
C HIS C 179 -4.40 32.76 12.52
N ARG C 180 -3.50 32.16 11.76
CA ARG C 180 -2.09 32.26 12.00
C ARG C 180 -1.48 33.11 10.90
N GLN C 181 -0.34 33.69 11.21
CA GLN C 181 0.43 34.44 10.24
C GLN C 181 1.84 33.97 10.23
N MET C 182 2.42 33.95 9.03
CA MET C 182 3.87 33.82 8.90
C MET C 182 4.37 34.47 7.60
N LEU C 183 5.69 34.49 7.45
CA LEU C 183 6.33 35.28 6.45
C LEU C 183 7.12 34.43 5.54
N PHE C 184 7.22 34.85 4.30
CA PHE C 184 8.10 34.20 3.34
C PHE C 184 9.08 35.25 2.79
N CYS C 185 10.34 35.13 3.24
CA CYS C 185 11.34 36.22 3.16
C CYS C 185 12.45 35.99 2.15
N ARG C 186 13.05 37.07 1.66
CA ARG C 186 14.30 36.97 0.92
C ARG C 186 15.39 37.14 1.96
N VAL C 187 16.30 36.17 2.04
CA VAL C 187 17.35 36.15 3.04
C VAL C 187 18.71 36.14 2.35
N THR C 188 19.57 37.06 2.76
CA THR C 188 20.92 37.10 2.26
C THR C 188 21.83 36.30 3.20
N LEU C 189 22.22 35.11 2.75
CA LEU C 189 23.05 34.20 3.55
C LEU C 189 24.55 34.39 3.36
N GLY C 190 24.93 34.97 2.23
CA GLY C 190 26.32 35.14 1.91
C GLY C 190 27.08 33.85 1.99
N LYS C 191 27.82 33.65 3.08
CA LYS C 191 28.66 32.48 3.24
C LYS C 191 28.36 31.84 4.56
N SER C 192 27.63 30.73 4.51
CA SER C 192 27.12 30.10 5.70
C SER C 192 28.13 29.21 6.40
N PHE C 193 28.21 29.37 7.71
CA PHE C 193 28.98 28.48 8.58
C PHE C 193 28.04 27.35 8.95
N LEU C 194 28.35 26.12 8.55
CA LEU C 194 27.51 24.98 8.85
C LEU C 194 27.71 24.55 10.30
N GLN C 195 26.62 24.35 11.01
CA GLN C 195 26.62 23.98 12.42
C GLN C 195 25.71 22.75 12.64
N PHE C 196 26.09 21.88 13.59
CA PHE C 196 25.42 20.57 13.77
C PHE C 196 24.87 20.37 15.18
N SER C 197 25.71 20.65 16.18
CA SER C 197 25.29 20.74 17.58
C SER C 197 24.71 22.14 17.85
N THR C 198 24.40 22.44 19.11
CA THR C 198 23.94 23.80 19.49
C THR C 198 25.07 24.66 20.07
N ILE C 199 25.26 25.87 19.51
CA ILE C 199 26.18 26.85 20.08
C ILE C 199 25.54 28.22 20.03
N LYS C 200 25.74 28.96 21.12
CA LYS C 200 25.17 30.28 21.31
C LYS C 200 26.21 31.30 20.89
N MET C 201 25.87 32.15 19.93
CA MET C 201 26.77 33.23 19.54
C MET C 201 26.02 34.54 19.22
N ALA C 202 26.72 35.65 19.43
CA ALA C 202 26.18 36.98 19.32
C ALA C 202 26.12 37.47 17.88
N HIS C 203 27.09 37.05 17.08
CA HIS C 203 27.21 37.51 15.70
C HIS C 203 27.56 36.34 14.79
N ALA C 204 27.51 36.58 13.49
CA ALA C 204 28.07 35.63 12.55
C ALA C 204 29.55 35.30 12.91
N PRO C 205 30.03 34.09 12.57
CA PRO C 205 31.47 33.81 12.86
C PRO C 205 32.38 34.57 11.92
N PRO C 206 33.63 34.78 12.35
CA PRO C 206 34.53 35.55 11.50
C PRO C 206 34.54 34.97 10.10
N GLY C 207 34.51 35.85 9.10
CA GLY C 207 34.51 35.44 7.71
C GLY C 207 33.22 34.90 7.13
N HIS C 208 32.15 34.88 7.92
CA HIS C 208 30.86 34.27 7.50
C HIS C 208 29.72 35.25 7.70
N HIS C 209 28.55 34.93 7.13
CA HIS C 209 27.43 35.85 7.16
C HIS C 209 26.16 35.24 7.67
N SER C 210 26.22 33.98 8.08
CA SER C 210 25.02 33.23 8.45
C SER C 210 25.42 31.92 9.09
N VAL C 211 24.58 31.38 9.96
CA VAL C 211 24.78 30.03 10.49
C VAL C 211 23.73 29.15 9.84
N ILE C 212 24.03 27.88 9.60
CA ILE C 212 22.99 26.88 9.22
C ILE C 212 23.09 25.69 10.16
N GLY C 213 22.03 25.43 10.91
CA GLY C 213 21.98 24.26 11.81
C GLY C 213 21.30 23.08 11.13
N ARG C 214 22.04 22.00 10.88
CA ARG C 214 21.55 20.86 10.06
C ARG C 214 21.28 19.55 10.84
N PRO C 215 20.55 18.59 10.21
CA PRO C 215 20.33 17.20 10.70
C PRO C 215 21.58 16.33 10.86
N LEU C 220 19.17 17.41 15.65
CA LEU C 220 18.37 18.35 14.88
C LEU C 220 17.48 17.61 13.87
N ALA C 221 16.32 18.18 13.53
CA ALA C 221 15.35 17.55 12.60
C ALA C 221 15.22 18.27 11.24
N TYR C 222 14.90 19.56 11.27
CA TYR C 222 14.76 20.36 10.05
C TYR C 222 15.97 21.29 9.96
N ALA C 223 16.24 21.81 8.76
CA ALA C 223 17.27 22.85 8.54
C ALA C 223 16.80 24.17 9.12
N GLU C 224 17.70 24.87 9.84
CA GLU C 224 17.45 26.22 10.38
C GLU C 224 18.47 27.19 9.83
N TYR C 225 18.06 28.40 9.56
CA TYR C 225 18.95 29.41 9.01
C TYR C 225 18.96 30.57 9.94
N VAL C 226 20.14 31.08 10.27
CA VAL C 226 20.20 32.14 11.25
C VAL C 226 21.06 33.26 10.72
N ILE C 227 20.50 34.47 10.66
CA ILE C 227 21.30 35.65 10.39
C ILE C 227 21.38 36.44 11.69
N TYR C 228 22.40 37.29 11.81
CA TYR C 228 22.59 38.10 12.99
C TYR C 228 22.52 39.63 12.72
N ARG C 229 22.05 40.02 11.54
CA ARG C 229 21.74 41.44 11.22
C ARG C 229 20.41 41.55 10.48
N GLY C 230 19.51 42.38 10.98
CA GLY C 230 18.17 42.45 10.39
C GLY C 230 18.08 42.86 8.93
N GLU C 231 19.13 43.46 8.39
CA GLU C 231 19.09 43.99 7.02
C GLU C 231 19.34 42.89 6.00
N GLN C 232 19.68 41.70 6.50
CA GLN C 232 19.90 40.54 5.66
C GLN C 232 18.64 39.70 5.51
N ALA C 233 17.47 40.31 5.70
CA ALA C 233 16.18 39.65 5.44
C ALA C 233 15.14 40.71 5.12
N TYR C 234 14.36 40.48 4.07
CA TYR C 234 13.32 41.39 3.67
C TYR C 234 12.03 40.64 3.65
N PRO C 235 11.05 41.05 4.46
CA PRO C 235 9.79 40.33 4.52
C PRO C 235 8.94 40.49 3.26
N GLU C 236 9.32 39.79 2.19
CA GLU C 236 8.66 39.91 0.89
C GLU C 236 7.16 39.56 0.88
N TYR C 237 6.76 38.54 1.65
CA TYR C 237 5.37 38.02 1.59
C TYR C 237 4.79 37.77 2.96
N LEU C 238 3.61 38.34 3.19
CA LEU C 238 2.79 38.07 4.38
C LEU C 238 1.62 37.09 4.11
N ILE C 239 1.64 35.96 4.81
CA ILE C 239 0.71 34.87 4.57
C ILE C 239 -0.08 34.67 5.83
N THR C 240 -1.39 34.63 5.62
CA THR C 240 -2.36 34.43 6.66
C THR C 240 -3.03 33.16 6.29
N TYR C 241 -3.25 32.30 7.28
CA TYR C 241 -3.65 30.94 7.03
C TYR C 241 -4.17 30.26 8.29
N GLN C 242 -4.71 29.06 8.14
CA GLN C 242 -4.96 28.11 9.25
C GLN C 242 -4.43 26.72 8.89
N ILE C 243 -4.21 25.89 9.91
CA ILE C 243 -3.80 24.51 9.69
C ILE C 243 -5.04 23.62 9.67
N MET C 244 -5.10 22.70 8.71
CA MET C 244 -6.29 21.89 8.53
C MET C 244 -6.18 20.59 9.31
N LYS C 245 -7.30 20.10 9.81
CA LYS C 245 -7.31 18.81 10.50
C LYS C 245 -7.39 17.73 9.44
N PRO C 246 -6.63 16.63 9.60
CA PRO C 246 -6.65 15.52 8.61
C PRO C 246 -7.94 14.67 8.55
N GLU C 247 -8.01 13.74 7.58
CA GLU C 247 -9.26 13.22 6.99
C GLU C 247 -9.76 11.98 7.68
N GLY D 38 -17.69 -9.38 11.45
CA GLY D 38 -17.51 -10.64 12.22
C GLY D 38 -17.61 -11.90 11.36
N THR D 39 -18.14 -12.97 11.96
CA THR D 39 -18.34 -14.28 11.28
C THR D 39 -19.70 -14.39 10.57
N ILE D 40 -19.75 -15.08 9.42
CA ILE D 40 -20.97 -15.31 8.63
C ILE D 40 -21.10 -16.79 8.39
N LEU D 41 -22.28 -17.36 8.62
CA LEU D 41 -22.51 -18.79 8.37
C LEU D 41 -23.35 -18.97 7.15
N LEU D 42 -22.84 -19.68 6.15
CA LEU D 42 -23.63 -19.93 4.96
C LEU D 42 -24.27 -21.29 5.03
N ASP D 43 -25.60 -21.32 4.94
CA ASP D 43 -26.33 -22.58 4.83
C ASP D 43 -26.01 -23.29 3.53
N LEU D 44 -25.66 -24.55 3.65
CA LEU D 44 -25.51 -25.41 2.49
C LEU D 44 -26.78 -26.23 2.29
N ALA D 45 -27.28 -26.26 1.07
CA ALA D 45 -28.46 -27.07 0.75
C ALA D 45 -28.08 -28.55 0.62
N PRO D 46 -28.96 -29.48 1.04
CA PRO D 46 -28.67 -30.91 0.82
C PRO D 46 -28.34 -31.33 -0.62
N GLU D 47 -28.67 -30.48 -1.62
CA GLU D 47 -28.34 -30.73 -3.03
C GLU D 47 -26.99 -30.14 -3.47
N ASP D 48 -26.49 -29.16 -2.73
CA ASP D 48 -25.12 -28.67 -2.88
C ASP D 48 -24.18 -29.90 -2.84
N LYS D 49 -23.39 -30.12 -3.90
CA LYS D 49 -22.36 -31.20 -3.91
C LYS D 49 -21.51 -31.15 -2.65
N GLU D 50 -21.19 -29.93 -2.20
CA GLU D 50 -20.37 -29.69 -1.02
C GLU D 50 -21.00 -30.30 0.24
N TYR D 51 -22.32 -30.30 0.31
CA TYR D 51 -23.04 -30.84 1.47
C TYR D 51 -22.77 -32.32 1.52
N GLN D 52 -23.03 -32.98 0.40
CA GLN D 52 -22.86 -34.43 0.31
C GLN D 52 -21.40 -34.79 0.52
N SER D 53 -20.51 -33.97 0.01
CA SER D 53 -19.10 -34.21 0.19
C SER D 53 -18.80 -34.31 1.69
N VAL D 54 -19.34 -33.41 2.48
CA VAL D 54 -19.02 -33.37 3.89
C VAL D 54 -19.68 -34.51 4.62
N GLU D 55 -20.94 -34.74 4.30
CA GLU D 55 -21.67 -35.83 4.92
C GLU D 55 -20.95 -37.15 4.59
N GLU D 56 -20.49 -37.30 3.34
CA GLU D 56 -19.84 -38.55 2.89
C GLU D 56 -18.63 -38.82 3.80
N GLU D 57 -17.80 -37.81 3.97
CA GLU D 57 -16.65 -37.89 4.86
C GLU D 57 -17.08 -38.21 6.28
N MET D 58 -18.10 -37.50 6.76
CA MET D 58 -18.53 -37.69 8.11
C MET D 58 -19.04 -39.09 8.33
N GLN D 59 -19.91 -39.55 7.44
CA GLN D 59 -20.57 -40.86 7.62
C GLN D 59 -19.57 -42.00 7.48
N SER D 60 -18.75 -41.98 6.44
CA SER D 60 -17.84 -43.12 6.13
C SER D 60 -16.72 -43.27 7.13
N THR D 61 -16.28 -42.14 7.67
CA THR D 61 -15.20 -42.17 8.64
C THR D 61 -15.63 -42.65 10.03
N ILE D 62 -16.83 -43.16 10.18
CA ILE D 62 -17.21 -43.79 11.42
C ILE D 62 -16.44 -45.11 11.57
N ARG D 63 -16.02 -45.41 12.79
CA ARG D 63 -15.56 -46.76 13.14
C ARG D 63 -16.36 -47.13 14.38
N GLU D 64 -16.95 -48.32 14.39
CA GLU D 64 -17.65 -48.85 15.55
C GLU D 64 -16.74 -49.81 16.29
N HIS D 65 -15.75 -50.37 15.60
CA HIS D 65 -14.99 -51.49 16.14
C HIS D 65 -13.52 -51.12 16.48
N ARG D 66 -13.39 -50.23 17.46
CA ARG D 66 -12.11 -49.74 17.96
C ARG D 66 -12.03 -49.51 19.48
N ASP D 67 -12.98 -50.02 20.28
CA ASP D 67 -13.00 -49.81 21.76
C ASP D 67 -12.66 -48.37 22.20
N ASN D 70 -18.31 -46.53 24.25
CA ASN D 70 -19.00 -45.99 25.42
C ASN D 70 -19.22 -44.49 25.23
N ALA D 71 -18.13 -43.74 25.30
CA ALA D 71 -18.09 -42.27 25.55
C ALA D 71 -18.87 -41.40 24.57
N GLY D 72 -18.71 -41.68 23.29
CA GLY D 72 -19.47 -40.98 22.24
C GLY D 72 -20.87 -41.54 22.03
N GLY D 73 -21.06 -42.81 22.43
CA GLY D 73 -22.39 -43.47 22.34
C GLY D 73 -22.39 -44.51 21.25
N ILE D 74 -23.39 -45.38 21.23
CA ILE D 74 -23.42 -46.53 20.34
C ILE D 74 -24.23 -46.27 19.08
N PHE D 75 -23.57 -46.26 17.93
CA PHE D 75 -24.24 -46.01 16.65
C PHE D 75 -23.46 -46.50 15.43
N ASN D 76 -24.13 -46.53 14.29
CA ASN D 76 -23.50 -46.88 13.02
C ASN D 76 -23.63 -45.78 11.96
N ARG D 77 -24.31 -44.68 12.30
CA ARG D 77 -24.67 -43.67 11.31
C ARG D 77 -25.06 -42.39 12.02
N TYR D 78 -24.99 -41.27 11.29
CA TYR D 78 -25.45 -40.00 11.80
C TYR D 78 -26.69 -39.53 11.04
N ASN D 79 -27.57 -38.82 11.75
CA ASN D 79 -28.61 -38.00 11.11
C ASN D 79 -28.09 -36.57 11.04
N VAL D 80 -27.81 -36.10 9.84
CA VAL D 80 -27.24 -34.76 9.70
C VAL D 80 -28.35 -33.76 9.59
N ILE D 81 -28.45 -32.89 10.59
CA ILE D 81 -29.51 -31.90 10.61
C ILE D 81 -29.17 -30.71 9.71
N ARG D 82 -27.96 -30.19 9.85
CA ARG D 82 -27.57 -28.98 9.14
C ARG D 82 -26.08 -28.91 8.90
N ILE D 83 -25.69 -28.27 7.81
CA ILE D 83 -24.30 -27.92 7.56
C ILE D 83 -24.17 -26.48 7.05
N GLN D 84 -23.40 -25.70 7.79
CA GLN D 84 -23.05 -24.32 7.43
C GLN D 84 -21.56 -24.16 7.20
N LYS D 85 -21.22 -23.47 6.13
CA LYS D 85 -19.86 -23.08 5.86
C LYS D 85 -19.55 -21.84 6.67
N VAL D 86 -18.35 -21.74 7.24
CA VAL D 86 -18.01 -20.60 8.13
C VAL D 86 -17.07 -19.65 7.45
N VAL D 87 -17.43 -18.39 7.42
CA VAL D 87 -16.63 -17.42 6.70
C VAL D 87 -16.26 -16.32 7.66
N ASN D 88 -14.95 -16.07 7.82
CA ASN D 88 -14.45 -14.96 8.65
C ASN D 88 -13.15 -14.39 8.13
N LYS D 89 -13.18 -13.14 7.68
CA LYS D 89 -12.05 -12.54 6.98
C LYS D 89 -10.72 -12.61 7.73
N LYS D 90 -10.72 -12.08 8.96
CA LYS D 90 -9.49 -11.99 9.77
C LYS D 90 -8.99 -13.37 10.14
N LEU D 91 -9.88 -14.34 10.31
CA LEU D 91 -9.43 -15.70 10.57
C LEU D 91 -8.79 -16.32 9.36
N ARG D 92 -9.37 -16.10 8.19
CA ARG D 92 -8.79 -16.65 6.97
C ARG D 92 -7.43 -16.02 6.65
N GLU D 93 -7.31 -14.70 6.84
CA GLU D 93 -6.01 -14.02 6.64
C GLU D 93 -4.91 -14.58 7.54
N ARG D 94 -5.23 -14.86 8.80
CA ARG D 94 -4.28 -15.47 9.73
C ARG D 94 -3.90 -16.88 9.37
N PHE D 95 -4.86 -17.64 8.86
CA PHE D 95 -4.60 -19.00 8.46
C PHE D 95 -3.69 -19.02 7.27
N CYS D 96 -4.05 -18.24 6.25
CA CYS D 96 -3.30 -18.20 4.98
C CYS D 96 -1.81 -17.76 5.11
N HIS D 97 -1.54 -16.80 5.99
CA HIS D 97 -0.19 -16.31 6.22
C HIS D 97 0.60 -17.35 6.95
N ARG D 98 0.05 -17.88 8.02
CA ARG D 98 0.76 -18.95 8.72
C ARG D 98 1.06 -20.16 7.84
N GLN D 99 0.24 -20.45 6.84
CA GLN D 99 0.59 -21.51 5.90
C GLN D 99 1.94 -21.18 5.23
N LYS D 100 2.04 -20.00 4.60
CA LYS D 100 3.29 -19.56 3.97
C LYS D 100 4.51 -19.89 4.82
N GLU D 101 4.41 -19.55 6.09
CA GLU D 101 5.50 -19.73 7.03
C GLU D 101 5.85 -21.19 7.09
N VAL D 102 4.86 -22.02 7.40
CA VAL D 102 5.08 -23.45 7.52
C VAL D 102 5.61 -24.06 6.21
N SER D 103 5.11 -23.57 5.08
CA SER D 103 5.55 -24.01 3.76
C SER D 103 7.03 -23.75 3.49
N GLU D 104 7.54 -22.61 3.94
CA GLU D 104 8.97 -22.36 3.87
C GLU D 104 9.76 -23.26 4.81
N GLU D 105 9.30 -23.40 6.05
CA GLU D 105 9.94 -24.31 7.01
C GLU D 105 9.95 -25.80 6.62
N ASN D 106 9.15 -26.20 5.62
CA ASN D 106 8.99 -27.61 5.27
C ASN D 106 8.98 -27.86 3.75
N HIS D 107 10.01 -27.36 3.08
CA HIS D 107 10.27 -27.72 1.70
C HIS D 107 9.13 -27.44 0.76
N ASN D 108 8.41 -26.36 1.02
CA ASN D 108 7.32 -25.90 0.18
C ASN D 108 6.04 -26.73 0.23
N HIS D 109 5.87 -27.53 1.27
CA HIS D 109 4.65 -28.31 1.43
C HIS D 109 4.08 -28.10 2.83
N HIS D 110 2.91 -27.45 2.91
CA HIS D 110 2.30 -27.13 4.20
C HIS D 110 1.47 -28.26 4.75
N ASN D 111 1.12 -29.21 3.87
CA ASN D 111 0.50 -30.46 4.25
C ASN D 111 -0.84 -30.25 4.97
N GLU D 112 -1.78 -29.60 4.29
CA GLU D 112 -3.12 -29.35 4.83
C GLU D 112 -4.04 -30.59 4.72
N ARG D 113 -4.68 -30.97 5.81
CA ARG D 113 -5.66 -32.05 5.80
C ARG D 113 -6.99 -31.61 6.44
N MET D 114 -8.11 -32.07 5.88
CA MET D 114 -9.43 -31.85 6.45
C MET D 114 -9.57 -32.82 7.59
N LEU D 115 -9.85 -32.34 8.79
CA LEU D 115 -10.01 -33.17 9.98
C LEU D 115 -11.18 -32.70 10.84
N PHE D 116 -11.73 -33.58 11.65
CA PHE D 116 -12.87 -33.21 12.46
C PHE D 116 -12.41 -32.77 13.82
N HIS D 117 -13.10 -31.78 14.40
CA HIS D 117 -12.86 -31.40 15.77
C HIS D 117 -14.14 -31.53 16.60
N GLY D 118 -14.01 -32.15 17.76
CA GLY D 118 -15.08 -32.22 18.76
C GLY D 118 -14.68 -31.69 20.13
N SER D 119 -15.45 -30.72 20.60
CA SER D 119 -15.35 -30.23 21.98
C SER D 119 -16.62 -29.43 22.36
N PRO D 120 -16.79 -29.12 23.67
CA PRO D 120 -17.85 -28.20 24.10
C PRO D 120 -17.79 -26.74 23.56
N PHE D 121 -16.70 -26.28 22.94
CA PHE D 121 -16.48 -24.84 22.76
C PHE D 121 -16.59 -24.38 21.31
N ILE D 122 -17.34 -25.17 20.52
CA ILE D 122 -17.50 -24.90 19.09
C ILE D 122 -18.04 -23.49 18.88
N ASN D 123 -18.98 -23.12 19.75
CA ASN D 123 -19.57 -21.79 19.63
C ASN D 123 -18.55 -20.66 19.74
N ALA D 124 -17.68 -20.74 20.74
CA ALA D 124 -16.57 -19.80 20.82
C ALA D 124 -15.78 -19.82 19.53
N ILE D 125 -15.44 -21.04 19.14
CA ILE D 125 -14.50 -21.26 18.07
C ILE D 125 -14.90 -20.65 16.73
N ILE D 126 -16.19 -20.63 16.43
CA ILE D 126 -16.59 -20.16 15.10
C ILE D 126 -16.57 -18.63 14.99
N HIS D 127 -16.56 -17.93 16.12
CA HIS D 127 -16.44 -16.46 16.09
C HIS D 127 -15.02 -15.99 16.31
N LYS D 128 -14.24 -16.77 17.05
CA LYS D 128 -12.89 -16.38 17.47
C LYS D 128 -11.81 -17.12 16.72
N GLY D 129 -12.04 -18.42 16.50
CA GLY D 129 -11.01 -19.30 15.95
C GLY D 129 -10.44 -20.15 17.07
N PHE D 130 -9.66 -21.16 16.71
CA PHE D 130 -9.09 -21.98 17.74
C PHE D 130 -8.10 -21.08 18.39
N ASP D 131 -7.88 -21.30 19.69
CA ASP D 131 -7.01 -20.40 20.45
C ASP D 131 -6.27 -21.18 21.52
N GLU D 132 -4.99 -21.42 21.24
CA GLU D 132 -4.14 -22.20 22.11
C GLU D 132 -4.00 -21.66 23.52
N ARG D 133 -4.44 -20.42 23.76
CA ARG D 133 -4.35 -19.79 25.09
C ARG D 133 -5.33 -20.45 26.02
N HIS D 134 -6.32 -21.13 25.42
CA HIS D 134 -7.35 -21.88 26.14
C HIS D 134 -7.02 -23.38 26.17
N ALA D 135 -5.82 -23.77 25.76
CA ALA D 135 -5.42 -25.16 25.81
C ALA D 135 -4.40 -25.30 26.91
N TYR D 136 -4.62 -26.27 27.81
CA TYR D 136 -3.72 -26.46 28.95
C TYR D 136 -2.98 -27.80 28.91
N ILE D 137 -1.99 -27.93 29.77
CA ILE D 137 -1.07 -29.05 29.74
C ILE D 137 -1.79 -30.38 29.97
N GLY D 138 -2.88 -30.36 30.72
CA GLY D 138 -3.62 -31.57 31.07
C GLY D 138 -3.98 -32.57 29.96
N GLY D 139 -4.08 -32.12 28.71
CA GLY D 139 -4.59 -32.97 27.61
C GLY D 139 -3.85 -34.28 27.37
N MET D 140 -4.40 -35.14 26.55
CA MET D 140 -3.71 -36.41 26.25
C MET D 140 -2.28 -36.18 25.71
N PHE D 141 -2.09 -35.13 24.89
CA PHE D 141 -0.78 -34.79 24.31
C PHE D 141 -0.29 -33.38 24.72
N GLY D 142 -0.92 -32.80 25.74
CA GLY D 142 -0.54 -31.50 26.26
C GLY D 142 -1.36 -30.33 25.70
N ALA D 143 -0.81 -29.12 25.82
CA ALA D 143 -1.52 -27.88 25.45
C ALA D 143 -1.69 -27.71 23.94
N GLY D 144 -2.33 -28.70 23.33
CA GLY D 144 -2.68 -28.66 21.93
C GLY D 144 -4.18 -28.63 21.70
N ILE D 145 -4.52 -28.54 20.42
CA ILE D 145 -5.86 -28.52 19.92
C ILE D 145 -6.04 -29.82 19.17
N TYR D 146 -7.06 -30.61 19.50
CA TYR D 146 -7.11 -32.01 19.12
C TYR D 146 -8.07 -32.29 17.99
N PHE D 147 -7.62 -32.97 16.95
CA PHE D 147 -8.47 -33.36 15.79
C PHE D 147 -8.45 -34.85 15.57
N ALA D 148 -9.16 -35.28 14.52
CA ALA D 148 -9.26 -36.67 14.15
C ALA D 148 -9.64 -36.84 12.67
N GLU D 149 -9.23 -37.96 12.06
CA GLU D 149 -9.58 -38.28 10.66
C GLU D 149 -10.90 -38.97 10.61
N ASN D 150 -11.35 -39.40 11.78
CA ASN D 150 -12.63 -40.09 12.02
C ASN D 150 -13.70 -39.23 12.70
N SER D 151 -14.84 -39.05 12.06
CA SER D 151 -15.96 -38.38 12.71
C SER D 151 -16.22 -38.97 14.11
N SER D 152 -16.23 -40.29 14.21
CA SER D 152 -16.63 -40.94 15.44
C SER D 152 -15.68 -40.70 16.59
N LYS D 153 -14.46 -40.32 16.30
CA LYS D 153 -13.50 -39.98 17.33
C LYS D 153 -13.80 -38.63 17.94
N SER D 154 -14.06 -37.65 17.10
CA SER D 154 -14.41 -36.34 17.57
C SER D 154 -15.76 -36.35 18.30
N ASN D 155 -16.69 -37.15 17.85
CA ASN D 155 -17.95 -37.22 18.54
C ASN D 155 -17.76 -37.68 20.00
N GLN D 156 -16.65 -38.35 20.32
CA GLN D 156 -16.43 -38.74 21.71
C GLN D 156 -16.21 -37.55 22.63
N TYR D 157 -15.80 -36.41 22.06
CA TYR D 157 -15.37 -35.21 22.84
C TYR D 157 -16.35 -34.05 22.87
N VAL D 158 -17.45 -34.16 22.14
CA VAL D 158 -18.51 -33.13 22.06
C VAL D 158 -19.11 -32.72 23.40
N TYR D 159 -19.19 -33.66 24.36
CA TYR D 159 -19.70 -33.36 25.71
C TYR D 159 -18.58 -33.36 26.79
N GLY D 160 -17.33 -33.27 26.37
CA GLY D 160 -16.18 -33.23 27.27
C GLY D 160 -15.29 -34.42 27.04
N ILE D 161 -14.23 -34.52 27.83
CA ILE D 161 -13.31 -35.64 27.78
C ILE D 161 -14.02 -36.91 28.23
N GLY D 162 -13.99 -37.94 27.39
CA GLY D 162 -14.68 -39.21 27.71
C GLY D 162 -16.17 -39.07 27.88
N GLY D 163 -16.76 -38.09 27.18
CA GLY D 163 -18.20 -37.83 27.22
C GLY D 163 -18.71 -37.05 28.43
N GLY D 164 -17.82 -36.67 29.35
CA GLY D 164 -18.20 -35.96 30.55
C GLY D 164 -19.39 -36.63 31.18
N THR D 165 -20.47 -35.87 31.37
CA THR D 165 -21.70 -36.40 31.93
C THR D 165 -22.79 -36.36 30.86
N GLY D 166 -22.39 -36.62 29.62
CA GLY D 166 -23.32 -36.67 28.50
C GLY D 166 -23.91 -35.33 28.12
N CYS D 167 -25.12 -35.39 27.58
CA CYS D 167 -25.85 -34.19 27.17
C CYS D 167 -26.35 -33.43 28.40
N PRO D 168 -26.47 -32.08 28.29
CA PRO D 168 -26.91 -31.23 29.41
C PRO D 168 -28.12 -31.78 30.10
N THR D 169 -29.13 -32.14 29.30
CA THR D 169 -30.49 -32.40 29.75
C THR D 169 -30.81 -33.82 30.28
N HIS D 170 -30.13 -34.85 29.77
CA HIS D 170 -30.41 -36.24 30.20
C HIS D 170 -29.26 -37.00 30.88
N LYS D 171 -28.06 -36.43 30.87
CA LYS D 171 -26.87 -37.08 31.44
C LYS D 171 -26.67 -38.45 30.80
N ASP D 172 -26.72 -38.47 29.47
CA ASP D 172 -26.67 -39.70 28.71
C ASP D 172 -25.60 -39.48 27.64
N ARG D 173 -24.49 -40.24 27.74
CA ARG D 173 -23.42 -40.16 26.74
C ARG D 173 -23.92 -40.53 25.36
N SER D 174 -25.01 -41.32 25.35
CA SER D 174 -25.58 -41.85 24.15
C SER D 174 -26.98 -41.30 23.82
N CYS D 175 -27.20 -40.00 24.00
CA CYS D 175 -28.49 -39.40 23.63
C CYS D 175 -28.66 -39.45 22.12
N TYR D 176 -29.79 -40.06 21.73
CA TYR D 176 -30.19 -40.18 20.35
C TYR D 176 -31.12 -39.01 19.90
N ILE D 177 -31.40 -38.08 20.82
CA ILE D 177 -32.31 -36.93 20.55
C ILE D 177 -31.61 -35.57 20.59
N CYS D 178 -30.96 -35.24 21.71
CA CYS D 178 -30.26 -33.96 21.80
C CYS D 178 -29.34 -33.72 20.58
N HIS D 179 -29.37 -32.49 20.07
CA HIS D 179 -28.53 -32.07 18.94
C HIS D 179 -27.09 -31.89 19.35
N ARG D 180 -26.20 -32.46 18.55
CA ARG D 180 -24.79 -32.34 18.76
C ARG D 180 -24.21 -31.48 17.63
N GLN D 181 -23.06 -30.89 17.93
CA GLN D 181 -22.34 -30.13 16.94
C GLN D 181 -20.91 -30.57 16.88
N MET D 182 -20.35 -30.56 15.66
CA MET D 182 -18.93 -30.68 15.49
C MET D 182 -18.47 -30.01 14.19
N LEU D 183 -17.15 -29.97 14.02
CA LEU D 183 -16.53 -29.15 13.01
C LEU D 183 -15.73 -29.99 12.08
N PHE D 184 -15.67 -29.55 10.83
CA PHE D 184 -14.84 -30.20 9.84
C PHE D 184 -13.87 -29.13 9.27
N CYS D 185 -12.60 -29.23 9.67
CA CYS D 185 -11.62 -28.13 9.59
C CYS D 185 -10.55 -28.34 8.54
N ARG D 186 -9.95 -27.25 8.06
CA ARG D 186 -8.71 -27.33 7.30
C ARG D 186 -7.59 -27.15 8.31
N VAL D 187 -6.67 -28.12 8.36
CA VAL D 187 -5.61 -28.13 9.36
C VAL D 187 -4.26 -28.12 8.64
N THR D 188 -3.40 -27.22 9.05
CA THR D 188 -2.05 -27.14 8.51
C THR D 188 -1.13 -27.94 9.41
N LEU D 189 -0.75 -29.13 8.94
CA LEU D 189 0.12 -30.05 9.71
C LEU D 189 1.61 -29.87 9.49
N GLY D 190 1.96 -29.27 8.36
CA GLY D 190 3.34 -29.05 8.02
C GLY D 190 4.11 -30.36 8.09
N LYS D 191 4.87 -30.55 9.16
CA LYS D 191 5.73 -31.70 9.27
C LYS D 191 5.46 -32.35 10.60
N SER D 192 4.76 -33.47 10.55
CA SER D 192 4.27 -34.13 11.75
C SER D 192 5.33 -34.99 12.44
N PHE D 193 5.43 -34.84 13.76
CA PHE D 193 6.22 -35.71 14.61
C PHE D 193 5.30 -36.86 14.99
N LEU D 194 5.63 -38.06 14.60
CA LEU D 194 4.82 -39.22 14.93
C LEU D 194 5.06 -39.65 16.38
N GLN D 195 3.98 -39.87 17.09
CA GLN D 195 4.01 -40.26 18.50
C GLN D 195 3.13 -41.51 18.72
N PHE D 196 3.53 -42.38 19.66
CA PHE D 196 2.88 -43.70 19.85
C PHE D 196 2.35 -43.91 21.27
N SER D 197 3.18 -43.64 22.27
CA SER D 197 2.73 -43.58 23.66
C SER D 197 2.15 -42.18 23.96
N THR D 198 1.83 -41.89 25.21
CA THR D 198 1.36 -40.54 25.60
C THR D 198 2.49 -39.66 26.19
N ILE D 199 2.66 -38.45 25.64
CA ILE D 199 3.59 -37.47 26.20
C ILE D 199 2.91 -36.09 26.18
N LYS D 200 3.12 -35.35 27.26
CA LYS D 200 2.53 -34.04 27.46
C LYS D 200 3.54 -33.01 27.04
N MET D 201 3.18 -32.16 26.09
CA MET D 201 4.06 -31.07 25.69
C MET D 201 3.31 -29.79 25.37
N ALA D 202 4.01 -28.67 25.59
CA ALA D 202 3.45 -27.34 25.49
C ALA D 202 3.38 -26.84 24.06
N HIS D 203 4.34 -27.24 23.23
CA HIS D 203 4.45 -26.79 21.85
C HIS D 203 4.79 -27.94 20.92
N ALA D 204 4.75 -27.69 19.61
CA ALA D 204 5.29 -28.63 18.63
C ALA D 204 6.77 -28.95 18.96
N PRO D 205 7.26 -30.16 18.62
CA PRO D 205 8.69 -30.43 18.88
C PRO D 205 9.58 -29.67 17.94
N PRO D 206 10.83 -29.46 18.36
CA PRO D 206 11.72 -28.71 17.49
C PRO D 206 11.70 -29.28 16.08
N GLY D 207 11.66 -28.40 15.09
CA GLY D 207 11.66 -28.80 13.69
C GLY D 207 10.36 -29.30 13.11
N HIS D 208 9.30 -29.32 13.92
CA HIS D 208 8.01 -29.91 13.51
C HIS D 208 6.88 -28.95 13.73
N HIS D 209 5.71 -29.28 13.19
CA HIS D 209 4.57 -28.36 13.25
C HIS D 209 3.30 -28.99 13.78
N SER D 210 3.36 -30.26 14.16
CA SER D 210 2.18 -31.03 14.57
C SER D 210 2.63 -32.34 15.21
N VAL D 211 1.81 -32.88 16.09
CA VAL D 211 2.04 -34.23 16.62
C VAL D 211 0.97 -35.12 15.97
N ILE D 212 1.28 -36.39 15.73
CA ILE D 212 0.27 -37.40 15.36
C ILE D 212 0.41 -38.59 16.28
N GLY D 213 -0.62 -38.88 17.07
CA GLY D 213 -0.64 -40.05 17.94
C GLY D 213 -1.33 -41.22 17.27
N ARG D 214 -0.58 -42.29 17.00
CA ARG D 214 -1.07 -43.43 16.20
C ARG D 214 -1.31 -44.74 17.00
N PRO D 215 -2.02 -45.71 16.38
CA PRO D 215 -2.21 -47.10 16.88
C PRO D 215 -0.93 -47.95 17.09
N LEU D 220 -3.30 -46.93 21.83
CA LEU D 220 -4.15 -46.00 21.07
C LEU D 220 -5.03 -46.74 20.07
N ALA D 221 -6.20 -46.19 19.73
CA ALA D 221 -7.18 -46.84 18.82
C ALA D 221 -7.32 -46.12 17.46
N TYR D 222 -7.66 -44.83 17.49
CA TYR D 222 -7.84 -44.02 16.28
C TYR D 222 -6.64 -43.06 16.17
N ALA D 223 -6.40 -42.53 14.96
CA ALA D 223 -5.38 -41.49 14.72
C ALA D 223 -5.85 -40.17 15.32
N GLU D 224 -4.97 -39.47 16.04
CA GLU D 224 -5.23 -38.12 16.60
C GLU D 224 -4.23 -37.14 16.05
N TYR D 225 -4.66 -35.92 15.80
CA TYR D 225 -3.78 -34.92 15.22
C TYR D 225 -3.78 -33.75 16.14
N VAL D 226 -2.61 -33.22 16.46
CA VAL D 226 -2.55 -32.19 17.46
C VAL D 226 -1.71 -31.04 16.93
N ILE D 227 -2.27 -29.84 16.91
CA ILE D 227 -1.50 -28.66 16.62
C ILE D 227 -1.39 -27.87 17.91
N TYR D 228 -0.38 -27.01 18.02
CA TYR D 228 -0.17 -26.19 19.20
C TYR D 228 -0.23 -24.65 18.95
N ARG D 229 -0.74 -24.25 17.78
CA ARG D 229 -1.05 -22.85 17.47
C ARG D 229 -2.41 -22.77 16.76
N GLY D 230 -3.31 -21.97 17.27
CA GLY D 230 -4.66 -21.89 16.72
C GLY D 230 -4.77 -21.49 15.26
N GLU D 231 -3.73 -20.86 14.70
CA GLU D 231 -3.80 -20.31 13.35
C GLU D 231 -3.57 -21.38 12.32
N GLN D 232 -3.23 -22.58 12.80
CA GLN D 232 -3.03 -23.73 11.93
C GLN D 232 -4.29 -24.58 11.76
N ALA D 233 -5.46 -23.99 11.99
CA ALA D 233 -6.73 -24.65 11.77
C ALA D 233 -7.78 -23.59 11.49
N TYR D 234 -8.59 -23.83 10.47
CA TYR D 234 -9.66 -22.95 10.11
C TYR D 234 -10.95 -23.71 10.12
N PRO D 235 -11.90 -23.32 10.97
CA PRO D 235 -13.17 -24.08 11.03
C PRO D 235 -14.05 -23.90 9.80
N GLU D 236 -13.68 -24.56 8.71
CA GLU D 236 -14.37 -24.44 7.44
C GLU D 236 -15.88 -24.85 7.45
N TYR D 237 -16.26 -25.87 8.22
CA TYR D 237 -17.64 -26.39 8.18
C TYR D 237 -18.20 -26.66 9.58
N LEU D 238 -19.39 -26.10 9.84
CA LEU D 238 -20.15 -26.40 11.04
C LEU D 238 -21.30 -27.38 10.77
N ILE D 239 -21.24 -28.52 11.46
CA ILE D 239 -22.18 -29.63 11.26
C ILE D 239 -22.95 -29.84 12.54
N THR D 240 -24.28 -29.89 12.37
CA THR D 240 -25.20 -30.13 13.43
C THR D 240 -25.89 -31.40 13.07
N TYR D 241 -26.08 -32.26 14.06
CA TYR D 241 -26.45 -33.65 13.80
C TYR D 241 -26.92 -34.34 15.06
N GLN D 242 -27.42 -35.56 14.90
CA GLN D 242 -27.64 -36.50 16.01
C GLN D 242 -27.09 -37.88 15.64
N ILE D 243 -26.85 -38.70 16.64
CA ILE D 243 -26.46 -40.08 16.40
C ILE D 243 -27.67 -40.98 16.40
N MET D 244 -27.75 -41.88 15.44
CA MET D 244 -28.95 -42.72 15.28
C MET D 244 -28.80 -44.01 16.06
N LYS D 245 -29.90 -44.52 16.58
CA LYS D 245 -29.87 -45.82 17.25
C LYS D 245 -29.95 -46.90 16.18
N PRO D 246 -29.18 -47.99 16.32
CA PRO D 246 -29.22 -49.10 15.35
C PRO D 246 -30.51 -49.97 15.35
N GLU D 247 -30.61 -50.90 14.39
CA GLU D 247 -31.87 -51.44 13.87
C GLU D 247 -32.32 -52.65 14.63
ZN ZN E . -6.88 6.11 -17.44
O3 K56 F . -25.39 -6.74 -18.65
C18 K56 F . -25.27 -5.56 -19.01
N5 K56 F . -24.10 -5.23 -19.55
C20 K56 F . -23.78 -3.95 -20.01
C22 K56 F . -22.51 -3.70 -20.54
C24 K56 F . -22.21 -2.40 -20.99
C23 K56 F . -23.15 -1.37 -20.89
C21 K56 F . -24.40 -1.64 -20.35
C19 K56 F . -24.74 -2.94 -19.91
C17 K56 F . -26.12 -3.25 -19.35
N4 K56 F . -26.26 -4.63 -18.92
C16 K56 F . -27.51 -4.96 -18.26
C14 K56 F . -27.16 -5.07 -16.73
C11 K56 F . -28.31 -5.30 -15.77
C7 K56 F . -27.91 -5.43 -14.27
C12 K56 F . -26.48 -3.81 -16.16
C8 K56 F . -26.04 -3.89 -14.69
N1 K56 F . -27.12 -4.30 -13.78
C2 K56 F . -27.18 -3.87 -12.48
N2 K56 F . -27.21 -4.79 -11.52
C9 K56 F . -27.26 -4.37 -10.25
N3 K56 F . -27.28 -3.13 -9.81
C3 K56 F . -27.24 -2.17 -10.74
C1 K56 F . -27.18 -2.49 -12.12
C5 K56 F . -27.26 -0.80 -10.35
C10 K56 F . -27.22 0.25 -11.29
O2 K56 F . -27.29 1.62 -11.09
C15 K56 F . -26.65 2.31 -10.04
C6 K56 F . -27.18 -0.06 -12.65
C4 K56 F . -27.15 -1.42 -13.03
O1 K56 F . -27.16 1.00 -13.53
C13 K56 F . -27.73 0.86 -14.83
ZN ZN G . 7.51 1.62 -20.59
O3 K56 H . 26.30 9.74 -11.27
C18 K56 H . 26.12 9.49 -12.47
N5 K56 H . 24.90 9.76 -12.93
C20 K56 H . 24.54 9.55 -14.25
C22 K56 H . 23.26 9.85 -14.65
C24 K56 H . 22.90 9.63 -15.98
C23 K56 H . 23.81 9.08 -16.88
C21 K56 H . 25.10 8.79 -16.44
C19 K56 H . 25.48 9.02 -15.12
C17 K56 H . 26.87 8.70 -14.68
N4 K56 H . 27.08 8.99 -13.29
C16 K56 H . 28.38 8.62 -12.73
C14 K56 H . 28.18 7.29 -11.93
C11 K56 H . 29.36 6.76 -11.11
C7 K56 H . 29.11 5.40 -10.40
C12 K56 H . 27.76 6.10 -12.79
C8 K56 H . 27.25 4.93 -11.94
N1 K56 H . 28.37 4.40 -11.19
C2 K56 H . 28.51 3.04 -11.02
N2 K56 H . 28.66 2.59 -9.75
C9 K56 H . 28.79 1.27 -9.56
N3 K56 H . 28.79 0.32 -10.49
C3 K56 H . 28.62 0.74 -11.75
C1 K56 H . 28.48 2.11 -12.09
C5 K56 H . 28.62 -0.22 -12.76
C10 K56 H . 28.47 0.09 -14.12
O2 K56 H . 28.45 -0.81 -15.17
C15 K56 H . 28.23 -2.19 -14.96
C6 K56 H . 28.33 1.44 -14.49
C4 K56 H . 28.33 2.40 -13.47
O1 K56 H . 28.20 1.68 -15.84
C13 K56 H . 28.58 2.90 -16.44
ZN ZN I . -7.78 28.94 18.96
O3 K56 J . 13.72 34.71 15.25
C18 K56 J . 13.18 34.65 16.32
N5 K56 J . 12.19 33.79 16.44
C20 K56 J . 11.44 33.60 17.61
C22 K56 J . 10.38 32.67 17.62
C24 K56 J . 9.63 32.47 18.77
C23 K56 J . 9.95 33.22 19.91
C21 K56 J . 11.00 34.14 19.89
C19 K56 J . 11.76 34.35 18.74
C17 K56 J . 12.90 35.32 18.68
N4 K56 J . 13.55 35.38 17.38
C16 K56 J . 14.59 36.37 17.18
C14 K56 J . 13.88 37.58 16.42
C11 K56 J . 14.63 38.92 16.37
C7 K56 J . 13.93 40.08 15.63
C12 K56 J . 12.50 37.98 16.98
C8 K56 J . 11.75 39.18 16.34
N1 K56 J . 12.58 40.38 16.09
C2 K56 J . 11.99 41.63 16.01
N2 K56 J . 12.17 42.31 14.85
C9 K56 J . 11.56 43.50 14.75
N3 K56 J . 10.78 44.15 15.63
C3 K56 J . 10.59 43.51 16.77
C1 K56 J . 11.17 42.23 17.03
C5 K56 J . 9.79 44.15 17.73
C10 K56 J . 9.51 43.54 18.96
O2 K56 J . 8.77 44.01 20.00
C15 K56 J . 7.59 44.74 19.81
C6 K56 J . 10.07 42.30 19.23
C4 K56 J . 10.88 41.66 18.28
O1 K56 J . 9.74 41.81 20.46
C13 K56 J . 10.69 41.02 21.13
ZN ZN K . -30.28 -35.81 25.86
O3 K56 L . -8.98 -29.66 21.73
C18 K56 L . -9.47 -29.79 22.84
N5 K56 L . -10.46 -30.67 22.95
C20 K56 L . -11.14 -30.95 24.12
C22 K56 L . -12.16 -31.89 24.09
C24 K56 L . -12.86 -32.19 25.25
C23 K56 L . -12.53 -31.53 26.43
C21 K56 L . -11.49 -30.59 26.42
C19 K56 L . -10.78 -30.29 25.27
C17 K56 L . -9.65 -29.28 25.24
N4 K56 L . -9.06 -29.13 23.93
C16 K56 L . -8.03 -28.11 23.70
C14 K56 L . -8.74 -26.92 22.90
C11 K56 L . -8.01 -25.58 22.69
C7 K56 L . -8.77 -24.45 21.94
C12 K56 L . -10.07 -26.45 23.54
C8 K56 L . -10.88 -25.39 22.76
N1 K56 L . -10.11 -24.19 22.48
C2 K56 L . -10.73 -22.96 22.46
N2 K56 L . -10.59 -22.25 21.32
C9 K56 L . -11.22 -21.06 21.24
N3 K56 L . -11.96 -20.46 22.14
C3 K56 L . -12.11 -21.14 23.29
C1 K56 L . -11.51 -22.41 23.51
C5 K56 L . -12.89 -20.54 24.30
C10 K56 L . -13.11 -21.17 25.54
O2 K56 L . -13.85 -20.71 26.58
C15 K56 L . -14.13 -19.34 26.68
C6 K56 L . -12.55 -22.41 25.80
C4 K56 L . -11.76 -23.00 24.79
O1 K56 L . -12.83 -22.92 27.02
C13 K56 L . -11.94 -23.84 27.62
#